data_6CQI
#
_entry.id   6CQI
#
_cell.length_a   68.777
_cell.length_b   44.977
_cell.length_c   129.229
_cell.angle_alpha   90.00
_cell.angle_beta   90.60
_cell.angle_gamma   90.00
#
_symmetry.space_group_name_H-M   'P 1 21 1'
#
loop_
_entity.id
_entity.type
_entity.pdbx_description
1 polymer 'DNA topoisomerase 1'
2 polymer "DNA (5'-D(P*TP*TP*CP*CP*GP*CP*TP*TP*GP*A)-3')"
3 non-polymer 'FORMIC ACID'
4 non-polymer GLYCEROL
5 non-polymer 'ACETATE ION'
6 water water
#
loop_
_entity_poly.entity_id
_entity_poly.type
_entity_poly.pdbx_seq_one_letter_code
_entity_poly.pdbx_strand_id
1 'polypeptide(L)'
;SNAADPKTKGRGSGGNGSGRRLVIVESPTKARKLASYLGSGYIVESSRGHIRDLPRAASDVPAKYKSQPWARLGVNVDAD
FEPLYIISPEKRSTVSELRGLLKDVDELYLATDGDREGEAIAWHLLETLKPRIPVKRMVFHEITEPAIRAAAEHPRDLDI
DLVDAQETRRILDRLYGYEVSPVLWKKVAPKLSAGRVQSVATRIIVARERDRMAFRSAAYWDILAKLDASVSDPDAAPPT
FSARLTAVAGRRVATGRDFDSLGTLRKGDEVIVLDEGSATALAAGLDGTQLTVASAEEKPYARRPYPPFMTSTLQQEASR
KLRFSAERTMSIAQRLYENGYITYMRTDSTTLSESAINAARTQARQLYGDEYVAPAPRQYTRKVKNAQEAHEAIRPAGET
FATPDAVRRELDGPNIDDFRLYELIWQRTVASQMADARGMTLSLRITGMSGHQEVVFSATGRTLTFPGFLKAYVETVDEL
VGGEADDAERRLPHLTPGQRLDIVELTPDGHATNPPARYTEASLVKALEELGIGRPSTYSSIIKTIQDRGYVHKKGSALV
PSWVAFAVTGLLEQHFGRLVDYDFTAAMEDELDEIAAGNERRTNWLNNFYFGGDHGVPDSVARSGGLKKLVGINLEGIDA
REVNSIKLFDDTHGRPIYVRVGKNGPYLERLVAGDTGEPTPQRANLSDSITPDELTLQVAEELFAT
;
A
2 'polydeoxyribonucleotide' (DT)(DT)(DC)(DC)(DG)(DC)(DT)(DT)(DG)(DA)(DC) B
#
# COMPACT_ATOMS: atom_id res chain seq x y z
N SER A 18 40.26 10.02 27.96
CA SER A 18 40.42 8.59 28.24
C SER A 18 39.21 8.04 28.98
N GLY A 19 38.91 6.77 28.73
CA GLY A 19 37.74 6.12 29.31
C GLY A 19 36.44 6.41 28.61
N ARG A 20 36.39 7.43 27.75
CA ARG A 20 35.16 7.80 27.08
C ARG A 20 34.89 6.86 25.90
N ARG A 21 33.60 6.69 25.59
CA ARG A 21 33.17 5.83 24.50
C ARG A 21 32.34 6.63 23.52
N LEU A 22 32.50 6.36 22.23
CA LEU A 22 31.70 6.98 21.19
C LEU A 22 30.65 5.98 20.73
N VAL A 23 29.38 6.36 20.86
CA VAL A 23 28.25 5.54 20.44
C VAL A 23 27.53 6.27 19.31
N ILE A 24 27.39 5.61 18.16
CA ILE A 24 26.75 6.19 17.00
C ILE A 24 25.47 5.41 16.71
N VAL A 25 24.35 6.13 16.66
CA VAL A 25 23.07 5.58 16.25
C VAL A 25 22.53 6.43 15.10
N GLU A 26 21.34 6.10 14.61
CA GLU A 26 20.84 6.79 13.43
C GLU A 26 20.06 8.05 13.78
N SER A 27 19.26 8.02 14.85
CA SER A 27 18.31 9.09 15.10
C SER A 27 18.75 9.95 16.28
N PRO A 28 18.73 11.28 16.13
CA PRO A 28 19.10 12.16 17.25
C PRO A 28 18.23 11.96 18.48
N THR A 29 16.94 11.66 18.30
CA THR A 29 16.06 11.44 19.45
C THR A 29 16.57 10.31 20.33
N LYS A 30 16.77 9.13 19.73
CA LYS A 30 17.31 7.99 20.47
C LYS A 30 18.72 8.28 20.97
N ALA A 31 19.49 9.10 20.24
CA ALA A 31 20.80 9.50 20.74
C ALA A 31 20.69 10.25 22.05
N ARG A 32 19.70 11.15 22.16
CA ARG A 32 19.51 11.92 23.38
C ARG A 32 19.02 11.02 24.51
N LYS A 33 18.08 10.12 24.22
CA LYS A 33 17.61 9.20 25.25
C LYS A 33 18.75 8.34 25.80
N LEU A 34 19.48 7.68 24.90
CA LEU A 34 20.58 6.81 25.31
C LEU A 34 21.66 7.60 26.04
N ALA A 35 21.96 8.80 25.57
CA ALA A 35 22.91 9.66 26.29
C ALA A 35 22.42 9.93 27.71
N SER A 36 21.11 10.17 27.87
CA SER A 36 20.57 10.41 29.20
C SER A 36 20.71 9.18 30.09
N TYR A 37 20.56 7.99 29.53
CA TYR A 37 20.57 6.80 30.36
C TYR A 37 21.95 6.16 30.50
N LEU A 38 22.96 6.70 29.82
CA LEU A 38 24.33 6.22 29.96
C LEU A 38 25.24 7.21 30.66
N GLY A 39 24.97 8.51 30.54
CA GLY A 39 25.68 9.49 31.34
C GLY A 39 27.12 9.73 30.87
N SER A 40 27.93 10.17 31.83
CA SER A 40 29.31 10.54 31.54
C SER A 40 30.12 9.33 31.12
N GLY A 41 31.21 9.58 30.41
CA GLY A 41 32.04 8.52 29.87
C GLY A 41 31.55 7.96 28.55
N TYR A 42 30.39 8.40 28.07
CA TYR A 42 29.89 8.08 26.75
C TYR A 42 29.49 9.38 26.08
N ILE A 43 29.80 9.52 24.79
CA ILE A 43 29.29 10.62 23.99
C ILE A 43 28.52 9.98 22.84
N VAL A 44 27.20 10.10 22.88
CA VAL A 44 26.32 9.48 21.90
C VAL A 44 26.00 10.50 20.83
N GLU A 45 26.17 10.10 19.57
CA GLU A 45 25.90 10.97 18.43
C GLU A 45 25.13 10.19 17.37
N SER A 46 24.53 10.93 16.44
CA SER A 46 23.66 10.37 15.42
C SER A 46 24.22 10.64 14.03
N SER A 47 24.16 9.61 13.18
CA SER A 47 24.59 9.71 11.79
C SER A 47 23.50 10.20 10.86
N ARG A 48 22.26 10.28 11.33
CA ARG A 48 21.12 10.68 10.51
C ARG A 48 20.96 9.77 9.29
N GLY A 49 20.92 8.47 9.55
CA GLY A 49 20.78 7.49 8.49
C GLY A 49 22.07 7.26 7.74
N HIS A 50 21.99 7.15 6.41
CA HIS A 50 23.18 6.91 5.61
C HIS A 50 24.05 8.16 5.58
N ILE A 51 25.36 7.94 5.47
CA ILE A 51 26.31 9.02 5.26
C ILE A 51 27.02 8.94 3.91
N ARG A 52 26.92 7.82 3.20
CA ARG A 52 27.49 7.67 1.89
C ARG A 52 26.49 7.00 0.95
N ASP A 53 26.69 7.22 -0.34
CA ASP A 53 25.82 6.64 -1.35
C ASP A 53 26.60 6.62 -2.66
N LEU A 54 26.04 5.93 -3.65
CA LEU A 54 26.55 6.05 -5.00
C LEU A 54 26.38 7.50 -5.47
N PRO A 55 27.19 7.96 -6.40
CA PRO A 55 26.98 9.30 -6.96
C PRO A 55 25.63 9.40 -7.64
N ARG A 56 24.90 10.48 -7.32
CA ARG A 56 23.57 10.68 -7.88
C ARG A 56 23.64 10.94 -9.38
N ALA A 57 24.53 11.84 -9.80
CA ALA A 57 24.72 12.17 -11.20
C ALA A 57 26.21 12.23 -11.49
N ALA A 58 26.54 12.47 -12.76
CA ALA A 58 27.94 12.51 -13.18
C ALA A 58 28.73 13.53 -12.36
N SER A 59 28.08 14.64 -11.98
CA SER A 59 28.76 15.66 -11.21
C SER A 59 29.31 15.11 -9.90
N ASP A 60 28.60 14.15 -9.29
CA ASP A 60 29.04 13.58 -8.03
C ASP A 60 30.16 12.57 -8.19
N VAL A 61 30.57 12.26 -9.41
CA VAL A 61 31.66 11.31 -9.63
C VAL A 61 32.99 12.04 -9.42
N PRO A 62 33.91 11.48 -8.64
CA PRO A 62 35.24 12.10 -8.51
C PRO A 62 35.94 12.20 -9.86
N ALA A 63 36.78 13.22 -10.00
CA ALA A 63 37.29 13.62 -11.31
C ALA A 63 38.03 12.48 -12.01
N LYS A 64 38.95 11.83 -11.33
CA LYS A 64 39.74 10.77 -11.96
C LYS A 64 38.95 9.49 -12.17
N TYR A 65 37.65 9.48 -11.85
CA TYR A 65 36.75 8.40 -12.25
C TYR A 65 35.76 8.85 -13.31
N LYS A 66 35.85 10.10 -13.78
CA LYS A 66 34.80 10.64 -14.64
C LYS A 66 34.77 9.96 -15.99
N SER A 67 35.93 9.83 -16.65
CA SER A 67 36.00 9.17 -17.95
C SER A 67 36.05 7.64 -17.83
N GLN A 68 35.66 7.09 -16.70
CA GLN A 68 35.53 5.65 -16.57
C GLN A 68 34.25 5.18 -17.25
N PRO A 69 34.32 4.15 -18.10
CA PRO A 69 33.15 3.80 -18.92
C PRO A 69 31.91 3.49 -18.10
N TRP A 70 32.05 2.98 -16.88
CA TRP A 70 30.92 2.64 -16.03
C TRP A 70 30.58 3.74 -15.04
N ALA A 71 31.13 4.95 -15.20
CA ALA A 71 30.90 6.02 -14.24
C ALA A 71 29.44 6.48 -14.25
N ARG A 72 28.79 6.45 -15.42
CA ARG A 72 27.38 6.79 -15.48
C ARG A 72 26.55 5.88 -14.58
N LEU A 73 27.03 4.67 -14.31
CA LEU A 73 26.37 3.75 -13.40
C LEU A 73 26.84 3.92 -11.96
N GLY A 74 28.07 4.39 -11.75
CA GLY A 74 28.61 4.41 -10.40
C GLY A 74 28.87 3.02 -9.84
N VAL A 75 28.98 2.01 -10.70
CA VAL A 75 29.24 0.63 -10.30
C VAL A 75 30.21 0.01 -11.30
N ASN A 76 31.38 -0.43 -10.82
CA ASN A 76 32.29 -1.18 -11.67
C ASN A 76 31.69 -2.55 -11.94
N VAL A 77 30.88 -2.66 -13.01
CA VAL A 77 30.24 -3.92 -13.36
C VAL A 77 31.18 -4.85 -14.12
N ASP A 78 32.22 -4.31 -14.75
CA ASP A 78 33.19 -5.13 -15.45
C ASP A 78 34.17 -5.82 -14.51
N ALA A 79 34.09 -5.56 -13.19
CA ALA A 79 35.03 -6.14 -12.23
C ALA A 79 34.30 -6.34 -10.89
N ASP A 80 33.48 -7.38 -10.85
CA ASP A 80 32.83 -7.85 -9.62
C ASP A 80 31.97 -6.77 -8.96
N PHE A 81 31.37 -5.91 -9.78
CA PHE A 81 30.31 -4.99 -9.35
C PHE A 81 30.73 -4.18 -8.11
N GLU A 82 31.83 -3.46 -8.25
CA GLU A 82 32.38 -2.72 -7.12
C GLU A 82 31.79 -1.32 -7.09
N PRO A 83 31.05 -0.95 -6.05
CA PRO A 83 30.41 0.36 -6.03
C PRO A 83 31.40 1.49 -5.75
N LEU A 84 31.11 2.65 -6.35
CA LEU A 84 31.84 3.87 -6.08
C LEU A 84 31.03 4.64 -5.03
N TYR A 85 31.47 4.57 -3.78
CA TYR A 85 30.78 5.22 -2.67
C TYR A 85 31.40 6.59 -2.43
N ILE A 86 30.56 7.61 -2.34
CA ILE A 86 31.00 8.95 -1.97
C ILE A 86 30.17 9.42 -0.79
N ILE A 87 30.66 10.45 -0.12
CA ILE A 87 29.98 11.01 1.04
C ILE A 87 28.87 11.94 0.56
N SER A 88 27.67 11.77 1.10
CA SER A 88 26.55 12.62 0.73
C SER A 88 26.85 14.06 1.13
N PRO A 89 26.66 15.03 0.24
CA PRO A 89 27.03 16.41 0.57
C PRO A 89 26.28 16.97 1.77
N GLU A 90 25.07 16.48 2.05
CA GLU A 90 24.34 16.94 3.23
C GLU A 90 25.00 16.44 4.51
N LYS A 91 25.47 15.19 4.51
CA LYS A 91 26.06 14.57 5.69
C LYS A 91 27.56 14.87 5.84
N ARG A 92 28.10 15.77 5.01
CA ARG A 92 29.53 16.07 5.06
C ARG A 92 29.92 16.64 6.42
N SER A 93 29.16 17.61 6.93
CA SER A 93 29.45 18.18 8.24
C SER A 93 29.28 17.14 9.33
N THR A 94 28.23 16.30 9.22
CA THR A 94 28.03 15.21 10.16
C THR A 94 29.29 14.35 10.29
N VAL A 95 29.89 14.01 9.15
CA VAL A 95 31.10 13.18 9.18
C VAL A 95 32.29 13.99 9.70
N SER A 96 32.33 15.28 9.40
CA SER A 96 33.40 16.12 9.95
C SER A 96 33.41 16.06 11.46
N GLU A 97 32.26 16.31 12.09
CA GLU A 97 32.19 16.24 13.54
C GLU A 97 32.44 14.83 14.05
N LEU A 98 31.91 13.81 13.35
CA LEU A 98 32.11 12.44 13.80
C LEU A 98 33.60 12.08 13.83
N ARG A 99 34.32 12.43 12.76
CA ARG A 99 35.76 12.19 12.71
C ARG A 99 36.48 12.94 13.83
N GLY A 100 36.16 14.23 14.01
CA GLY A 100 36.80 14.99 15.07
C GLY A 100 36.56 14.38 16.44
N LEU A 101 35.31 14.05 16.74
CA LEU A 101 34.94 13.47 18.02
C LEU A 101 35.58 12.12 18.25
N LEU A 102 35.93 11.42 17.16
CA LEU A 102 36.58 10.11 17.29
C LEU A 102 37.93 10.20 18.01
N LYS A 103 38.51 11.39 18.14
CA LYS A 103 39.90 11.50 18.56
C LYS A 103 40.11 11.49 20.07
N ASP A 104 39.05 11.68 20.86
CA ASP A 104 39.20 11.77 22.31
C ASP A 104 38.44 10.65 23.04
N VAL A 105 38.20 9.54 22.36
CA VAL A 105 37.59 8.37 22.97
C VAL A 105 38.53 7.18 22.82
N ASP A 106 38.25 6.11 23.57
CA ASP A 106 39.03 4.90 23.53
C ASP A 106 38.36 3.75 22.81
N GLU A 107 37.04 3.80 22.63
CA GLU A 107 36.29 2.74 21.96
C GLU A 107 35.14 3.38 21.19
N LEU A 108 34.68 2.67 20.16
CA LEU A 108 33.58 3.15 19.33
C LEU A 108 32.51 2.07 19.27
N TYR A 109 31.30 2.42 19.71
CA TYR A 109 30.14 1.53 19.68
C TYR A 109 29.34 1.86 18.43
N LEU A 110 29.42 1.01 17.41
CA LEU A 110 28.55 1.13 16.25
C LEU A 110 27.20 0.53 16.63
N ALA A 111 26.20 1.39 16.83
CA ALA A 111 24.92 0.97 17.39
C ALA A 111 23.76 1.36 16.49
N THR A 112 23.94 1.26 15.18
CA THR A 112 22.82 1.42 14.28
C THR A 112 21.85 0.26 14.46
N ASP A 113 20.66 0.40 13.86
CA ASP A 113 19.62 -0.61 14.03
C ASP A 113 20.02 -1.92 13.35
N GLY A 114 19.42 -3.01 13.83
CA GLY A 114 19.81 -4.35 13.46
C GLY A 114 19.43 -4.80 12.07
N ASP A 115 18.76 -3.97 11.28
CA ASP A 115 18.31 -4.40 9.97
C ASP A 115 19.44 -4.36 8.96
N ARG A 116 19.11 -4.74 7.72
CA ARG A 116 20.10 -4.81 6.64
C ARG A 116 20.73 -3.44 6.38
N GLU A 117 19.89 -2.41 6.23
CA GLU A 117 20.41 -1.06 6.00
C GLU A 117 21.19 -0.56 7.22
N GLY A 118 20.79 -0.95 8.42
CA GLY A 118 21.51 -0.52 9.61
C GLY A 118 22.91 -1.11 9.68
N GLU A 119 23.04 -2.41 9.40
CA GLU A 119 24.36 -3.01 9.32
C GLU A 119 25.20 -2.33 8.25
N ALA A 120 24.61 -2.07 7.08
CA ALA A 120 25.34 -1.38 6.02
C ALA A 120 25.81 -0.01 6.49
N ILE A 121 24.96 0.72 7.22
CA ILE A 121 25.35 2.03 7.74
C ILE A 121 26.54 1.89 8.67
N ALA A 122 26.48 0.91 9.58
CA ALA A 122 27.61 0.65 10.47
C ALA A 122 28.90 0.43 9.68
N TRP A 123 28.84 -0.37 8.61
CA TRP A 123 30.03 -0.61 7.80
C TRP A 123 30.51 0.67 7.12
N HIS A 124 29.57 1.50 6.66
CA HIS A 124 29.95 2.76 6.03
C HIS A 124 30.65 3.69 7.02
N LEU A 125 30.14 3.74 8.25
CA LEU A 125 30.81 4.47 9.31
C LEU A 125 32.22 3.94 9.53
N LEU A 126 32.38 2.62 9.52
CA LEU A 126 33.71 2.03 9.62
C LEU A 126 34.63 2.56 8.53
N GLU A 127 34.16 2.50 7.28
CA GLU A 127 34.99 2.89 6.15
C GLU A 127 35.27 4.39 6.11
N THR A 128 34.40 5.20 6.70
CA THR A 128 34.54 6.65 6.64
C THR A 128 35.33 7.22 7.81
N LEU A 129 35.15 6.65 9.00
CA LEU A 129 35.89 7.12 10.16
C LEU A 129 37.27 6.47 10.26
N LYS A 130 37.40 5.23 9.81
CA LYS A 130 38.66 4.49 9.85
C LYS A 130 39.31 4.54 11.23
N PRO A 131 38.67 3.97 12.24
CA PRO A 131 39.18 4.10 13.61
C PRO A 131 40.32 3.14 13.91
N ARG A 132 41.30 3.63 14.66
CA ARG A 132 42.39 2.81 15.18
C ARG A 132 42.10 2.22 16.55
N ILE A 133 40.90 2.48 17.09
CA ILE A 133 40.54 2.06 18.44
C ILE A 133 39.59 0.87 18.35
N PRO A 134 39.41 0.10 19.42
CA PRO A 134 38.46 -1.02 19.36
C PRO A 134 37.07 -0.55 18.94
N VAL A 135 36.40 -1.39 18.14
CA VAL A 135 35.03 -1.15 17.70
C VAL A 135 34.17 -2.30 18.19
N LYS A 136 32.94 -2.00 18.60
CA LYS A 136 31.98 -2.99 19.04
C LYS A 136 30.66 -2.76 18.33
N ARG A 137 30.09 -3.83 17.77
CA ARG A 137 28.81 -3.78 17.09
C ARG A 137 27.71 -4.27 18.04
N MET A 138 26.65 -3.47 18.19
CA MET A 138 25.58 -3.79 19.10
C MET A 138 24.29 -3.12 18.61
N VAL A 139 23.16 -3.62 19.09
CA VAL A 139 21.87 -3.06 18.75
C VAL A 139 21.05 -2.90 20.02
N PHE A 140 20.64 -1.66 20.30
CA PHE A 140 19.82 -1.36 21.48
C PHE A 140 18.35 -1.51 21.11
N HIS A 141 17.64 -2.35 21.85
CA HIS A 141 16.20 -2.50 21.64
C HIS A 141 15.44 -1.55 22.55
N GLU A 142 15.24 -1.93 23.80
CA GLU A 142 14.56 -1.09 24.77
C GLU A 142 15.54 -0.14 25.43
N ILE A 143 15.06 1.05 25.77
CA ILE A 143 15.87 2.08 26.42
C ILE A 143 15.76 1.93 27.92
N THR A 144 16.28 0.83 28.46
CA THR A 144 16.30 0.58 29.89
C THR A 144 17.68 0.05 30.28
N GLU A 145 18.01 0.19 31.56
CA GLU A 145 19.33 -0.26 32.02
C GLU A 145 19.54 -1.76 31.86
N PRO A 146 18.56 -2.65 32.10
CA PRO A 146 18.80 -4.07 31.81
C PRO A 146 19.08 -4.35 30.34
N ALA A 147 18.24 -3.83 29.44
CA ALA A 147 18.42 -4.11 28.02
C ALA A 147 19.71 -3.51 27.47
N ILE A 148 20.01 -2.27 27.87
CA ILE A 148 21.22 -1.61 27.39
C ILE A 148 22.47 -2.29 27.97
N ARG A 149 22.38 -2.71 29.23
CA ARG A 149 23.50 -3.43 29.83
C ARG A 149 23.75 -4.75 29.10
N ALA A 150 22.69 -5.49 28.80
CA ALA A 150 22.83 -6.74 28.07
C ALA A 150 23.32 -6.51 26.65
N ALA A 151 22.98 -5.37 26.06
CA ALA A 151 23.43 -5.07 24.71
C ALA A 151 24.90 -4.65 24.67
N ALA A 152 25.38 -3.97 25.72
CA ALA A 152 26.77 -3.54 25.74
C ALA A 152 27.70 -4.67 26.17
N GLU A 153 27.29 -5.46 27.16
CA GLU A 153 28.14 -6.53 27.67
C GLU A 153 28.16 -7.77 26.76
N HIS A 154 27.36 -7.77 25.69
CA HIS A 154 27.33 -8.88 24.74
C HIS A 154 27.43 -8.32 23.33
N PRO A 155 28.63 -7.89 22.91
CA PRO A 155 28.80 -7.38 21.56
C PRO A 155 28.93 -8.51 20.56
N ARG A 156 28.83 -8.17 19.28
CA ARG A 156 28.93 -9.15 18.21
C ARG A 156 29.74 -8.55 17.07
N ASP A 157 29.94 -9.34 16.02
CA ASP A 157 30.72 -8.94 14.87
C ASP A 157 29.83 -8.33 13.80
N LEU A 158 30.44 -7.47 12.97
CA LEU A 158 29.73 -6.89 11.84
C LEU A 158 29.39 -7.98 10.83
N ASP A 159 28.11 -8.04 10.44
CA ASP A 159 27.62 -9.10 9.56
C ASP A 159 27.94 -8.72 8.11
N ILE A 160 29.03 -9.25 7.59
CA ILE A 160 29.46 -8.92 6.23
C ILE A 160 28.51 -9.54 5.21
N ASP A 161 27.87 -10.66 5.54
CA ASP A 161 26.84 -11.19 4.67
C ASP A 161 25.68 -10.22 4.54
N LEU A 162 25.26 -9.62 5.67
CA LEU A 162 24.19 -8.63 5.65
C LEU A 162 24.59 -7.41 4.84
N VAL A 163 25.80 -6.88 5.09
CA VAL A 163 26.27 -5.74 4.32
C VAL A 163 26.31 -6.07 2.82
N ASP A 164 26.73 -7.30 2.50
CA ASP A 164 26.75 -7.73 1.11
C ASP A 164 25.36 -7.76 0.50
N ALA A 165 24.38 -8.26 1.25
CA ALA A 165 23.00 -8.27 0.76
C ALA A 165 22.51 -6.86 0.49
N GLN A 166 22.80 -5.94 1.42
CA GLN A 166 22.41 -4.54 1.21
C GLN A 166 23.07 -3.98 -0.04
N GLU A 167 24.36 -4.26 -0.22
CA GLU A 167 25.05 -3.79 -1.42
C GLU A 167 24.40 -4.35 -2.68
N THR A 168 24.01 -5.62 -2.66
CA THR A 168 23.34 -6.21 -3.80
C THR A 168 22.02 -5.51 -4.09
N ARG A 169 21.26 -5.16 -3.04
CA ARG A 169 20.00 -4.45 -3.22
C ARG A 169 20.23 -3.07 -3.83
N ARG A 170 21.17 -2.31 -3.27
CA ARG A 170 21.46 -0.97 -3.79
C ARG A 170 21.95 -1.04 -5.23
N ILE A 171 22.81 -2.00 -5.54
CA ILE A 171 23.37 -2.11 -6.88
C ILE A 171 22.29 -2.51 -7.87
N LEU A 172 21.44 -3.49 -7.52
CA LEU A 172 20.34 -3.83 -8.43
C LEU A 172 19.45 -2.63 -8.69
N ASP A 173 19.14 -1.87 -7.65
CA ASP A 173 18.24 -0.75 -7.87
C ASP A 173 18.88 0.32 -8.74
N ARG A 174 20.21 0.47 -8.65
CA ARG A 174 20.91 1.42 -9.51
C ARG A 174 20.95 0.92 -10.95
N LEU A 175 21.31 -0.35 -11.16
CA LEU A 175 21.38 -0.89 -12.51
C LEU A 175 20.02 -0.84 -13.20
N TYR A 176 18.97 -1.27 -12.48
CA TYR A 176 17.61 -1.16 -12.97
C TYR A 176 17.28 0.28 -13.36
N GLY A 177 17.32 1.19 -12.39
CA GLY A 177 16.88 2.55 -12.66
C GLY A 177 17.68 3.24 -13.75
N TYR A 178 19.01 3.18 -13.66
CA TYR A 178 19.91 3.94 -14.51
C TYR A 178 20.21 3.25 -15.84
N GLU A 179 19.83 1.99 -16.00
CA GLU A 179 19.89 1.36 -17.31
C GLU A 179 18.57 1.40 -18.04
N VAL A 180 17.44 1.35 -17.32
CA VAL A 180 16.15 1.34 -17.99
C VAL A 180 15.70 2.75 -18.33
N SER A 181 15.92 3.71 -17.44
CA SER A 181 15.46 5.08 -17.68
C SER A 181 15.97 5.69 -18.99
N PRO A 182 17.23 5.52 -19.40
CA PRO A 182 17.65 6.05 -20.71
C PRO A 182 16.83 5.51 -21.87
N VAL A 183 16.38 4.26 -21.79
CA VAL A 183 15.47 3.72 -22.81
C VAL A 183 14.22 4.57 -22.90
N LEU A 184 13.67 4.94 -21.75
CA LEU A 184 12.51 5.83 -21.72
C LEU A 184 12.85 7.18 -22.35
N TRP A 185 14.05 7.67 -22.11
CA TRP A 185 14.46 8.93 -22.73
C TRP A 185 14.50 8.81 -24.25
N LYS A 186 14.88 7.65 -24.78
CA LYS A 186 15.06 7.50 -26.22
C LYS A 186 13.73 7.20 -26.92
N LYS A 187 12.85 6.44 -26.28
CA LYS A 187 11.63 5.95 -26.91
C LYS A 187 10.40 6.77 -26.55
N VAL A 188 10.32 7.28 -25.33
CA VAL A 188 9.15 8.02 -24.88
C VAL A 188 9.47 9.50 -24.79
N ALA A 189 10.16 9.91 -23.72
CA ALA A 189 10.45 11.33 -23.51
C ALA A 189 11.59 11.47 -22.50
N PRO A 190 12.38 12.54 -22.58
CA PRO A 190 13.50 12.71 -21.64
C PRO A 190 13.03 13.11 -20.25
N LYS A 191 13.93 12.92 -19.29
CA LYS A 191 13.76 13.14 -17.86
C LYS A 191 12.82 12.14 -17.21
N LEU A 192 12.28 11.19 -17.96
CA LEU A 192 11.40 10.19 -17.38
C LEU A 192 12.21 9.10 -16.68
N SER A 193 11.54 8.39 -15.78
CA SER A 193 12.22 7.47 -14.88
C SER A 193 11.54 6.11 -14.88
N ALA A 194 12.32 5.08 -14.55
CA ALA A 194 11.80 3.75 -14.26
C ALA A 194 12.60 3.18 -13.11
N GLY A 195 11.98 2.28 -12.36
CA GLY A 195 12.63 1.69 -11.21
C GLY A 195 11.79 0.57 -10.64
N ARG A 196 12.46 -0.27 -9.84
CA ARG A 196 11.84 -1.49 -9.35
C ARG A 196 10.53 -1.23 -8.60
N VAL A 197 10.45 -0.11 -7.88
CA VAL A 197 9.30 0.19 -7.03
C VAL A 197 8.31 1.13 -7.72
N GLN A 198 8.80 2.26 -8.24
CA GLN A 198 7.91 3.25 -8.82
C GLN A 198 7.26 2.75 -10.10
N SER A 199 7.97 1.96 -10.91
CA SER A 199 7.37 1.45 -12.13
C SER A 199 6.24 0.46 -11.83
N VAL A 200 6.40 -0.34 -10.78
CA VAL A 200 5.34 -1.28 -10.42
C VAL A 200 4.16 -0.56 -9.80
N ALA A 201 4.41 0.51 -9.03
CA ALA A 201 3.28 1.31 -8.54
C ALA A 201 2.52 1.95 -9.69
N THR A 202 3.23 2.58 -10.62
CA THR A 202 2.61 3.14 -11.81
C THR A 202 1.82 2.08 -12.57
N ARG A 203 2.40 0.87 -12.72
CA ARG A 203 1.71 -0.19 -13.44
C ARG A 203 0.45 -0.63 -12.70
N ILE A 204 0.46 -0.59 -11.37
CA ILE A 204 -0.75 -0.93 -10.62
C ILE A 204 -1.85 0.06 -10.96
N ILE A 205 -1.55 1.36 -10.88
CA ILE A 205 -2.57 2.37 -11.17
C ILE A 205 -3.04 2.26 -12.62
N VAL A 206 -2.10 2.12 -13.56
CA VAL A 206 -2.44 2.06 -14.99
C VAL A 206 -3.33 0.86 -15.27
N ALA A 207 -2.95 -0.31 -14.74
CA ALA A 207 -3.72 -1.52 -14.97
C ALA A 207 -5.13 -1.38 -14.44
N ARG A 208 -5.30 -0.81 -13.25
CA ARG A 208 -6.67 -0.60 -12.77
C ARG A 208 -7.43 0.35 -13.70
N GLU A 209 -6.77 1.37 -14.25
CA GLU A 209 -7.46 2.27 -15.17
C GLU A 209 -7.88 1.56 -16.44
N ARG A 210 -7.03 0.69 -16.99
CA ARG A 210 -7.41 -0.07 -18.17
C ARG A 210 -8.58 -1.00 -17.88
N ASP A 211 -8.58 -1.61 -16.68
CA ASP A 211 -9.77 -2.35 -16.23
C ASP A 211 -11.01 -1.46 -16.25
N ARG A 212 -10.85 -0.19 -15.86
CA ARG A 212 -11.99 0.72 -15.90
C ARG A 212 -12.39 1.07 -17.32
N MET A 213 -11.44 1.03 -18.27
CA MET A 213 -11.74 1.38 -19.65
C MET A 213 -12.43 0.24 -20.39
N ALA A 214 -12.04 -1.00 -20.09
CA ALA A 214 -12.64 -2.18 -20.70
C ALA A 214 -13.88 -2.66 -19.96
N PHE A 215 -14.36 -1.90 -18.98
CA PHE A 215 -15.51 -2.34 -18.20
C PHE A 215 -16.81 -1.98 -18.93
N ARG A 216 -17.73 -2.94 -18.97
CA ARG A 216 -19.05 -2.76 -19.55
C ARG A 216 -20.09 -3.08 -18.47
N SER A 217 -20.84 -2.07 -18.06
CA SER A 217 -21.85 -2.25 -17.00
C SER A 217 -23.04 -3.05 -17.52
N ALA A 218 -23.65 -3.81 -16.60
CA ALA A 218 -24.81 -4.62 -16.91
C ALA A 218 -25.95 -4.26 -15.96
N ALA A 219 -27.17 -4.22 -16.47
CA ALA A 219 -28.34 -3.83 -15.70
C ALA A 219 -29.09 -5.05 -15.20
N TYR A 220 -29.60 -4.96 -13.98
CA TYR A 220 -30.34 -6.05 -13.35
C TYR A 220 -31.28 -5.48 -12.30
N TRP A 221 -32.50 -6.01 -12.26
CA TRP A 221 -33.54 -5.56 -11.35
C TRP A 221 -33.84 -6.61 -10.30
N ASP A 222 -34.47 -6.17 -9.22
CA ASP A 222 -35.23 -7.04 -8.33
C ASP A 222 -36.23 -6.17 -7.58
N ILE A 223 -36.71 -6.65 -6.44
CA ILE A 223 -37.76 -5.96 -5.70
C ILE A 223 -37.34 -5.82 -4.24
N LEU A 224 -37.52 -4.62 -3.70
CA LEU A 224 -37.29 -4.32 -2.28
C LEU A 224 -38.65 -4.15 -1.60
N ALA A 225 -38.75 -4.68 -0.38
CA ALA A 225 -40.03 -4.80 0.29
C ALA A 225 -39.95 -4.29 1.72
N LYS A 226 -40.85 -3.37 2.07
CA LYS A 226 -41.08 -2.99 3.46
C LYS A 226 -42.13 -3.93 4.03
N LEU A 227 -41.78 -4.60 5.14
CA LEU A 227 -42.61 -5.61 5.77
C LEU A 227 -42.79 -5.31 7.24
N ASP A 228 -43.90 -5.80 7.79
CA ASP A 228 -44.31 -5.66 9.17
C ASP A 228 -44.38 -7.04 9.83
N ALA A 229 -44.69 -7.05 11.13
CA ALA A 229 -44.71 -8.30 11.90
C ALA A 229 -45.91 -8.28 12.84
N SER A 230 -47.06 -8.73 12.35
CA SER A 230 -48.24 -8.87 13.18
C SER A 230 -48.48 -10.33 13.55
N VAL A 231 -48.75 -11.17 12.55
CA VAL A 231 -49.12 -12.56 12.81
C VAL A 231 -47.97 -13.42 13.30
N SER A 232 -46.73 -12.94 13.22
CA SER A 232 -45.59 -13.72 13.67
C SER A 232 -45.61 -13.90 15.19
N ASP A 233 -44.92 -13.01 15.90
CA ASP A 233 -44.97 -12.96 17.36
C ASP A 233 -45.07 -11.50 17.72
N PRO A 234 -46.30 -10.96 17.85
CA PRO A 234 -46.54 -9.50 17.72
C PRO A 234 -45.66 -8.55 18.51
N ASP A 235 -44.46 -8.96 18.91
CA ASP A 235 -43.53 -8.05 19.57
C ASP A 235 -42.20 -8.01 18.82
N PRO A 239 -41.06 -1.67 13.95
CA PRO A 239 -41.85 -2.80 13.44
C PRO A 239 -41.92 -2.82 11.92
N THR A 240 -40.97 -2.16 11.26
CA THR A 240 -40.92 -2.11 9.81
C THR A 240 -39.48 -2.40 9.37
N PHE A 241 -39.31 -3.46 8.59
CA PHE A 241 -37.97 -3.79 8.09
C PHE A 241 -38.06 -4.07 6.59
N SER A 242 -36.92 -4.42 5.99
CA SER A 242 -36.83 -4.55 4.54
C SER A 242 -36.38 -5.96 4.15
N ALA A 243 -36.69 -6.33 2.91
CA ALA A 243 -36.30 -7.61 2.35
C ALA A 243 -36.13 -7.44 0.85
N ARG A 244 -35.51 -8.44 0.21
CA ARG A 244 -35.25 -8.33 -1.22
C ARG A 244 -35.50 -9.67 -1.91
N LEU A 245 -36.03 -9.59 -3.13
CA LEU A 245 -36.27 -10.81 -3.92
C LEU A 245 -34.95 -11.48 -4.27
N THR A 246 -34.96 -12.81 -4.23
CA THR A 246 -33.79 -13.68 -4.24
C THR A 246 -33.87 -14.81 -5.26
N ALA A 247 -35.04 -15.44 -5.41
CA ALA A 247 -35.17 -16.57 -6.33
C ALA A 247 -36.57 -16.57 -6.93
N VAL A 248 -36.66 -17.11 -8.15
CA VAL A 248 -37.92 -17.25 -8.86
C VAL A 248 -38.02 -18.67 -9.37
N ALA A 249 -39.01 -19.41 -8.87
CA ALA A 249 -39.30 -20.78 -9.33
C ALA A 249 -38.04 -21.65 -9.34
N GLY A 250 -37.26 -21.55 -8.26
CA GLY A 250 -36.01 -22.28 -8.19
C GLY A 250 -34.92 -21.73 -9.09
N ARG A 251 -34.83 -20.41 -9.22
CA ARG A 251 -33.82 -19.78 -10.06
C ARG A 251 -33.48 -18.43 -9.46
N ARG A 252 -32.22 -18.25 -9.08
CA ARG A 252 -31.80 -17.04 -8.38
C ARG A 252 -31.89 -15.82 -9.30
N VAL A 253 -32.36 -14.70 -8.74
CA VAL A 253 -32.40 -13.45 -9.50
C VAL A 253 -31.00 -12.84 -9.49
N ALA A 254 -30.57 -12.35 -10.66
CA ALA A 254 -29.20 -11.93 -10.85
C ALA A 254 -28.87 -10.70 -10.01
N THR A 255 -27.66 -10.69 -9.47
CA THR A 255 -27.09 -9.55 -8.76
C THR A 255 -25.78 -9.16 -9.42
N GLY A 256 -25.14 -8.11 -8.87
CA GLY A 256 -23.93 -7.59 -9.48
C GLY A 256 -22.82 -8.61 -9.59
N ARG A 257 -22.74 -9.54 -8.65
CA ARG A 257 -21.70 -10.57 -8.67
C ARG A 257 -21.90 -11.60 -9.78
N ASP A 258 -23.06 -11.61 -10.44
CA ASP A 258 -23.36 -12.61 -11.45
C ASP A 258 -22.94 -12.21 -12.85
N PHE A 259 -22.38 -11.01 -13.03
CA PHE A 259 -21.95 -10.52 -14.32
C PHE A 259 -20.43 -10.32 -14.32
N ASP A 260 -19.79 -10.64 -15.44
CA ASP A 260 -18.37 -10.37 -15.57
C ASP A 260 -18.15 -8.90 -15.94
N SER A 261 -16.88 -8.53 -16.15
CA SER A 261 -16.58 -7.13 -16.44
C SER A 261 -17.02 -6.69 -17.82
N LEU A 262 -17.39 -7.63 -18.70
CA LEU A 262 -17.90 -7.29 -20.03
C LEU A 262 -19.42 -7.23 -20.07
N GLY A 263 -20.09 -7.32 -18.93
CA GLY A 263 -21.53 -7.36 -18.88
C GLY A 263 -22.15 -8.71 -19.16
N THR A 264 -21.36 -9.69 -19.60
CA THR A 264 -21.85 -11.04 -19.82
C THR A 264 -22.29 -11.67 -18.50
N LEU A 265 -23.33 -12.50 -18.58
CA LEU A 265 -23.71 -13.31 -17.44
C LEU A 265 -22.65 -14.38 -17.20
N ARG A 266 -22.16 -14.45 -15.96
CA ARG A 266 -20.96 -15.21 -15.64
C ARG A 266 -21.29 -16.69 -15.54
N LYS A 267 -20.87 -17.46 -16.56
CA LYS A 267 -20.82 -18.93 -16.55
C LYS A 267 -21.90 -19.61 -15.74
N GLY A 268 -23.14 -19.12 -15.84
CA GLY A 268 -24.22 -19.70 -15.07
C GLY A 268 -25.58 -19.54 -15.72
N ASP A 269 -26.08 -20.62 -16.34
CA ASP A 269 -27.41 -20.63 -16.91
C ASP A 269 -28.49 -20.95 -15.88
N GLU A 270 -28.16 -20.87 -14.58
CA GLU A 270 -29.10 -21.11 -13.50
C GLU A 270 -29.51 -19.83 -12.79
N VAL A 271 -29.40 -18.70 -13.46
CA VAL A 271 -29.76 -17.40 -12.89
C VAL A 271 -30.57 -16.64 -13.91
N ILE A 272 -31.55 -15.88 -13.44
CA ILE A 272 -32.44 -15.09 -14.28
C ILE A 272 -32.26 -13.63 -13.89
N VAL A 273 -32.01 -12.76 -14.86
CA VAL A 273 -31.84 -11.35 -14.61
C VAL A 273 -33.15 -10.64 -14.94
N LEU A 274 -33.75 -10.03 -13.93
CA LEU A 274 -35.03 -9.35 -14.08
C LEU A 274 -34.82 -7.95 -14.66
N ASP A 275 -35.84 -7.47 -15.36
CA ASP A 275 -35.88 -6.10 -15.85
C ASP A 275 -37.05 -5.37 -15.21
N GLU A 276 -37.25 -4.12 -15.64
CA GLU A 276 -38.32 -3.30 -15.08
C GLU A 276 -39.69 -3.92 -15.34
N GLY A 277 -39.97 -4.27 -16.60
CA GLY A 277 -41.29 -4.77 -16.95
C GLY A 277 -41.67 -6.03 -16.19
N SER A 278 -40.68 -6.83 -15.79
CA SER A 278 -40.95 -8.03 -15.01
C SER A 278 -41.02 -7.74 -13.51
N ALA A 279 -40.07 -6.96 -12.99
CA ALA A 279 -40.06 -6.64 -11.56
C ALA A 279 -41.34 -5.92 -11.14
N THR A 280 -41.80 -4.98 -11.96
CA THR A 280 -43.09 -4.33 -11.67
C THR A 280 -44.23 -5.34 -11.74
N ALA A 281 -44.18 -6.27 -12.70
CA ALA A 281 -45.25 -7.23 -12.87
C ALA A 281 -45.40 -8.13 -11.65
N LEU A 282 -44.27 -8.58 -11.08
CA LEU A 282 -44.36 -9.36 -9.85
C LEU A 282 -44.66 -8.48 -8.65
N ALA A 283 -44.23 -7.21 -8.69
CA ALA A 283 -44.55 -6.28 -7.62
C ALA A 283 -46.05 -6.11 -7.46
N ALA A 284 -46.76 -5.97 -8.57
CA ALA A 284 -48.22 -5.98 -8.57
C ALA A 284 -48.79 -7.38 -8.71
N GLY A 285 -47.94 -8.39 -8.92
CA GLY A 285 -48.43 -9.74 -9.13
C GLY A 285 -49.15 -10.32 -7.94
N LEU A 286 -48.73 -9.96 -6.72
CA LEU A 286 -49.37 -10.49 -5.52
C LEU A 286 -48.98 -9.60 -4.34
N ASP A 287 -49.83 -8.60 -4.07
CA ASP A 287 -49.67 -7.75 -2.90
C ASP A 287 -50.38 -8.31 -1.67
N GLY A 288 -51.37 -9.17 -1.86
CA GLY A 288 -52.14 -9.75 -0.78
C GLY A 288 -51.64 -11.09 -0.28
N THR A 289 -50.44 -11.51 -0.67
CA THR A 289 -49.89 -12.78 -0.22
C THR A 289 -49.33 -12.65 1.19
N GLN A 290 -49.62 -13.66 2.02
CA GLN A 290 -49.00 -13.76 3.34
C GLN A 290 -47.65 -14.45 3.18
N LEU A 291 -46.57 -13.71 3.38
CA LEU A 291 -45.24 -14.27 3.27
C LEU A 291 -44.99 -15.28 4.39
N THR A 292 -44.42 -16.43 4.03
CA THR A 292 -44.21 -17.52 4.97
C THR A 292 -42.72 -17.84 5.07
N VAL A 293 -42.16 -17.67 6.28
CA VAL A 293 -40.74 -17.94 6.50
C VAL A 293 -40.44 -19.41 6.22
N ALA A 294 -39.31 -19.68 5.59
CA ALA A 294 -38.95 -21.04 5.19
C ALA A 294 -37.76 -21.59 5.97
N SER A 295 -36.61 -20.92 5.92
CA SER A 295 -35.40 -21.38 6.59
C SER A 295 -34.77 -20.22 7.34
N ALA A 296 -34.11 -20.55 8.46
CA ALA A 296 -33.48 -19.54 9.28
C ALA A 296 -32.41 -20.19 10.15
N GLU A 297 -31.21 -19.62 10.11
CA GLU A 297 -30.11 -20.03 10.98
C GLU A 297 -29.61 -18.80 11.75
N GLU A 298 -28.81 -19.06 12.77
CA GLU A 298 -28.23 -18.01 13.60
C GLU A 298 -26.72 -18.10 13.54
N LYS A 299 -26.07 -16.96 13.33
CA LYS A 299 -24.62 -16.91 13.13
C LYS A 299 -24.00 -15.89 14.09
N PRO A 300 -23.43 -16.35 15.20
CA PRO A 300 -22.60 -15.47 16.02
C PRO A 300 -21.17 -15.48 15.51
N TYR A 301 -20.52 -14.33 15.64
CA TYR A 301 -19.17 -14.11 15.14
C TYR A 301 -18.32 -13.54 16.26
N ALA A 302 -17.02 -13.82 16.20
CA ALA A 302 -16.06 -13.34 17.20
C ALA A 302 -14.86 -12.73 16.46
N ARG A 303 -14.85 -11.41 16.34
CA ARG A 303 -13.82 -10.71 15.60
C ARG A 303 -12.78 -10.13 16.55
N ARG A 304 -11.51 -10.41 16.27
CA ARG A 304 -10.41 -10.01 17.12
C ARG A 304 -10.02 -8.56 16.87
N PRO A 305 -9.44 -7.88 17.87
CA PRO A 305 -9.10 -6.47 17.71
C PRO A 305 -8.04 -6.24 16.65
N TYR A 306 -7.92 -4.98 16.22
CA TYR A 306 -6.96 -4.61 15.21
C TYR A 306 -5.55 -4.54 15.80
N PRO A 307 -4.54 -4.97 15.06
CA PRO A 307 -3.16 -4.79 15.52
C PRO A 307 -2.83 -3.33 15.66
N PRO A 308 -1.79 -2.97 16.42
CA PRO A 308 -1.43 -1.56 16.58
C PRO A 308 -0.87 -1.00 15.29
N PHE A 309 -0.85 0.32 15.23
CA PHE A 309 -0.46 1.00 14.01
C PHE A 309 1.00 0.73 13.67
N MET A 310 1.23 0.26 12.44
CA MET A 310 2.52 0.38 11.79
C MET A 310 2.43 1.52 10.77
N THR A 311 3.51 1.73 10.02
CA THR A 311 3.54 2.86 9.10
C THR A 311 2.41 2.77 8.07
N SER A 312 2.25 1.60 7.44
CA SER A 312 1.24 1.45 6.41
C SER A 312 -0.16 1.68 6.96
N THR A 313 -0.53 0.97 8.02
CA THR A 313 -1.89 1.09 8.55
C THR A 313 -2.15 2.46 9.14
N LEU A 314 -1.13 3.10 9.72
CA LEU A 314 -1.31 4.45 10.23
C LEU A 314 -1.54 5.45 9.11
N GLN A 315 -0.81 5.29 7.99
CA GLN A 315 -1.05 6.15 6.84
C GLN A 315 -2.45 5.92 6.26
N GLN A 316 -2.86 4.66 6.14
CA GLN A 316 -4.18 4.36 5.60
C GLN A 316 -5.28 4.94 6.48
N GLU A 317 -5.25 4.63 7.78
CA GLU A 317 -6.31 5.09 8.68
C GLU A 317 -6.28 6.60 8.86
N ALA A 318 -5.10 7.21 8.85
CA ALA A 318 -5.02 8.67 8.87
C ALA A 318 -5.53 9.27 7.57
N SER A 319 -5.51 8.51 6.48
CA SER A 319 -6.04 9.01 5.22
C SER A 319 -7.56 8.88 5.17
N ARG A 320 -8.10 7.75 5.60
CA ARG A 320 -9.53 7.49 5.49
C ARG A 320 -10.32 8.17 6.59
N LYS A 321 -9.77 8.22 7.81
CA LYS A 321 -10.50 8.74 8.96
C LYS A 321 -10.26 10.23 9.21
N LEU A 322 -9.08 10.75 8.84
CA LEU A 322 -8.77 12.16 9.07
C LEU A 322 -8.37 12.92 7.82
N ARG A 323 -8.44 12.28 6.64
CA ARG A 323 -8.24 12.95 5.36
C ARG A 323 -6.83 13.50 5.20
N PHE A 324 -5.84 12.84 5.81
CA PHE A 324 -4.45 13.24 5.69
C PHE A 324 -3.77 12.43 4.59
N SER A 325 -3.05 13.11 3.71
CA SER A 325 -2.19 12.41 2.78
C SER A 325 -1.04 11.75 3.54
N ALA A 326 -0.38 10.80 2.87
CA ALA A 326 0.72 10.09 3.50
C ALA A 326 1.82 11.04 3.96
N GLU A 327 2.16 12.03 3.11
CA GLU A 327 3.22 12.97 3.45
C GLU A 327 2.89 13.77 4.71
N ARG A 328 1.64 14.26 4.82
CA ARG A 328 1.27 15.01 6.01
C ARG A 328 1.25 14.12 7.24
N THR A 329 0.69 12.91 7.11
CA THR A 329 0.72 11.95 8.21
C THR A 329 2.14 11.74 8.70
N MET A 330 3.11 11.70 7.78
CA MET A 330 4.50 11.48 8.19
C MET A 330 5.13 12.74 8.78
N SER A 331 4.72 13.92 8.33
CA SER A 331 5.22 15.16 8.95
C SER A 331 4.77 15.25 10.39
N ILE A 332 3.46 15.13 10.62
CA ILE A 332 2.93 15.20 11.97
C ILE A 332 3.52 14.10 12.84
N ALA A 333 3.61 12.89 12.29
CA ALA A 333 4.22 11.79 13.04
C ALA A 333 5.67 12.11 13.39
N GLN A 334 6.39 12.80 12.51
CA GLN A 334 7.78 13.15 12.79
C GLN A 334 7.86 14.13 13.95
N ARG A 335 6.98 15.14 13.97
CA ARG A 335 6.99 16.08 15.07
C ARG A 335 6.62 15.40 16.39
N LEU A 336 5.62 14.51 16.35
CA LEU A 336 5.20 13.81 17.57
C LEU A 336 6.29 12.90 18.11
N TYR A 337 7.03 12.24 17.23
CA TYR A 337 8.13 11.40 17.68
C TYR A 337 9.28 12.24 18.23
N GLU A 338 9.70 13.27 17.47
CA GLU A 338 10.81 14.10 17.90
C GLU A 338 10.51 14.87 19.17
N ASN A 339 9.23 15.05 19.53
CA ASN A 339 8.88 15.76 20.75
C ASN A 339 8.50 14.82 21.89
N GLY A 340 8.64 13.51 21.71
CA GLY A 340 8.46 12.56 22.78
C GLY A 340 7.06 12.02 22.97
N TYR A 341 6.15 12.28 22.04
CA TYR A 341 4.77 11.84 22.23
C TYR A 341 4.57 10.40 21.78
N ILE A 342 5.22 9.97 20.70
CA ILE A 342 4.97 8.65 20.13
C ILE A 342 6.29 7.94 19.85
N THR A 343 6.17 6.62 19.65
CA THR A 343 7.28 5.76 19.26
C THR A 343 7.65 6.03 17.79
N TYR A 344 8.86 5.60 17.40
CA TYR A 344 9.34 5.69 16.03
C TYR A 344 8.25 5.33 15.03
N MET A 345 8.05 6.19 14.02
CA MET A 345 6.92 6.08 13.12
C MET A 345 7.24 5.41 11.80
N ARG A 346 8.50 5.05 11.54
CA ARG A 346 8.87 4.29 10.34
C ARG A 346 9.15 2.86 10.79
N THR A 347 8.13 2.01 10.74
CA THR A 347 8.26 0.65 11.22
C THR A 347 7.35 -0.27 10.42
N ASP A 348 7.62 -1.57 10.52
CA ASP A 348 6.83 -2.59 9.85
C ASP A 348 6.48 -3.73 10.80
N SER A 349 6.38 -3.42 12.10
CA SER A 349 6.09 -4.41 13.12
C SER A 349 4.87 -3.98 13.94
N THR A 350 4.10 -4.96 14.39
CA THR A 350 2.94 -4.71 15.24
C THR A 350 3.12 -5.27 16.64
N THR A 351 4.33 -5.69 17.00
CA THR A 351 4.60 -6.19 18.33
C THR A 351 4.77 -5.03 19.31
N LEU A 352 4.41 -5.28 20.56
CA LEU A 352 4.59 -4.30 21.63
C LEU A 352 5.43 -4.90 22.75
N SER A 353 5.99 -4.00 23.56
CA SER A 353 6.67 -4.40 24.77
C SER A 353 5.67 -4.67 25.88
N GLU A 354 6.14 -5.36 26.93
CA GLU A 354 5.28 -5.62 28.08
C GLU A 354 4.83 -4.31 28.73
N SER A 355 5.70 -3.31 28.71
CA SER A 355 5.34 -2.00 29.28
C SER A 355 4.16 -1.38 28.53
N ALA A 356 4.23 -1.38 27.20
CA ALA A 356 3.14 -0.82 26.40
C ALA A 356 1.87 -1.64 26.53
N ILE A 357 2.01 -2.97 26.56
CA ILE A 357 0.84 -3.84 26.71
C ILE A 357 0.13 -3.54 28.01
N ASN A 358 0.87 -3.52 29.13
CA ASN A 358 0.26 -3.24 30.42
C ASN A 358 -0.28 -1.83 30.51
N ALA A 359 0.37 -0.87 29.84
CA ALA A 359 -0.12 0.51 29.83
C ALA A 359 -1.49 0.59 29.16
N ALA A 360 -1.59 0.04 27.94
CA ALA A 360 -2.88 -0.01 27.26
C ALA A 360 -3.90 -0.81 28.07
N ARG A 361 -3.44 -1.81 28.82
CA ARG A 361 -4.34 -2.58 29.68
C ARG A 361 -4.96 -1.68 30.74
N THR A 362 -4.13 -0.89 31.43
CA THR A 362 -4.63 -0.05 32.51
C THR A 362 -5.51 1.07 31.97
N GLN A 363 -5.14 1.67 30.83
CA GLN A 363 -5.97 2.72 30.25
C GLN A 363 -7.32 2.15 29.80
N ALA A 364 -7.31 0.98 29.17
CA ALA A 364 -8.55 0.34 28.75
C ALA A 364 -9.45 0.01 29.94
N ARG A 365 -8.86 -0.57 30.99
CA ARG A 365 -9.61 -0.84 32.20
C ARG A 365 -10.16 0.44 32.82
N GLN A 366 -9.42 1.54 32.67
CA GLN A 366 -9.83 2.80 33.29
C GLN A 366 -11.03 3.40 32.57
N LEU A 367 -10.90 3.63 31.25
CA LEU A 367 -11.97 4.32 30.53
C LEU A 367 -13.12 3.40 30.14
N TYR A 368 -12.90 2.09 30.10
CA TYR A 368 -13.92 1.15 29.64
C TYR A 368 -14.21 0.06 30.65
N GLY A 369 -13.71 0.17 31.88
CA GLY A 369 -13.99 -0.81 32.90
C GLY A 369 -13.25 -2.12 32.71
N ASP A 370 -13.28 -2.98 33.72
CA ASP A 370 -12.55 -4.23 33.68
C ASP A 370 -13.24 -5.29 32.83
N GLU A 371 -14.43 -5.03 32.32
CA GLU A 371 -15.18 -5.99 31.52
C GLU A 371 -14.93 -5.84 30.02
N TYR A 372 -14.17 -4.82 29.60
CA TYR A 372 -13.94 -4.57 28.19
C TYR A 372 -12.46 -4.70 27.81
N VAL A 373 -11.65 -5.34 28.65
CA VAL A 373 -10.23 -5.53 28.35
C VAL A 373 -10.00 -6.99 27.99
N ALA A 374 -8.86 -7.23 27.34
CA ALA A 374 -8.54 -8.57 26.87
C ALA A 374 -8.23 -9.49 28.04
N PRO A 375 -8.81 -10.70 28.08
CA PRO A 375 -8.45 -11.63 29.15
C PRO A 375 -7.06 -12.23 28.97
N ALA A 376 -6.70 -12.63 27.74
CA ALA A 376 -5.42 -13.19 27.37
C ALA A 376 -4.48 -12.11 26.85
N PRO A 377 -3.17 -12.23 27.09
CA PRO A 377 -2.23 -11.22 26.59
C PRO A 377 -2.25 -11.10 25.08
N ARG A 378 -2.88 -10.06 24.55
CA ARG A 378 -3.02 -9.95 23.10
C ARG A 378 -1.69 -9.45 22.55
N GLN A 379 -0.91 -10.35 21.98
CA GLN A 379 0.34 -9.97 21.32
C GLN A 379 0.17 -10.21 19.83
N TYR A 380 0.53 -9.21 19.04
CA TYR A 380 0.36 -9.27 17.59
C TYR A 380 1.75 -9.32 16.95
N THR A 381 2.34 -10.50 16.96
CA THR A 381 3.64 -10.73 16.32
C THR A 381 3.43 -11.10 14.86
N ARG A 382 4.37 -10.67 14.03
CA ARG A 382 4.30 -10.93 12.59
C ARG A 382 5.10 -12.19 12.27
N LYS A 383 5.53 -12.35 11.02
CA LYS A 383 6.26 -13.54 10.60
C LYS A 383 7.30 -13.13 9.56
N VAL A 384 8.47 -12.72 10.05
CA VAL A 384 9.58 -12.33 9.17
C VAL A 384 10.86 -12.37 10.00
N LYS A 385 11.98 -12.61 9.33
CA LYS A 385 13.27 -12.66 10.01
C LYS A 385 14.41 -12.34 9.05
N ALA A 387 14.65 -14.43 15.07
CA ALA A 387 13.84 -13.23 15.23
C ALA A 387 14.72 -12.00 15.37
N GLN A 388 14.39 -10.94 14.62
CA GLN A 388 15.17 -9.70 14.66
C GLN A 388 14.23 -8.56 14.27
N GLU A 389 13.54 -8.01 15.26
CA GLU A 389 12.63 -6.89 15.05
C GLU A 389 13.38 -5.60 15.31
N ALA A 390 13.64 -4.83 14.25
CA ALA A 390 14.40 -3.59 14.41
C ALA A 390 13.63 -2.58 15.25
N HIS A 391 12.33 -2.51 15.01
CA HIS A 391 11.45 -1.61 15.74
C HIS A 391 10.13 -2.24 16.13
N GLU A 392 9.27 -1.48 16.79
CA GLU A 392 7.98 -2.01 17.17
C GLU A 392 6.87 -1.09 16.68
N ALA A 393 5.63 -1.35 17.10
CA ALA A 393 4.50 -0.61 16.59
C ALA A 393 4.52 0.83 17.09
N ILE A 394 3.88 1.72 16.32
CA ILE A 394 3.74 3.10 16.77
C ILE A 394 2.76 3.14 17.92
N ARG A 395 3.19 3.73 19.03
CA ARG A 395 2.44 3.77 20.27
C ARG A 395 2.72 5.09 20.94
N PRO A 396 1.90 5.49 21.92
CA PRO A 396 2.30 6.60 22.78
C PRO A 396 3.54 6.23 23.59
N ALA A 397 4.54 7.10 23.55
CA ALA A 397 5.81 6.79 24.18
C ALA A 397 5.69 6.80 25.70
N GLY A 398 6.63 6.11 26.35
CA GLY A 398 6.77 6.15 27.79
C GLY A 398 6.11 4.97 28.49
N GLU A 399 6.38 4.88 29.79
CA GLU A 399 5.72 3.87 30.61
C GLU A 399 4.25 4.22 30.83
N THR A 400 3.93 5.50 30.94
CA THR A 400 2.57 5.97 31.06
C THR A 400 2.19 6.77 29.80
N PHE A 401 0.97 6.54 29.32
CA PHE A 401 0.51 7.21 28.11
C PHE A 401 0.02 8.61 28.45
N ALA A 402 0.58 9.62 27.78
CA ALA A 402 0.08 10.98 27.94
C ALA A 402 -1.39 11.04 27.53
N THR A 403 -2.23 11.55 28.42
CA THR A 403 -3.66 11.57 28.15
C THR A 403 -3.95 12.48 26.96
N PRO A 404 -4.89 12.12 26.09
CA PRO A 404 -5.17 12.97 24.92
C PRO A 404 -5.67 14.36 25.26
N ASP A 405 -6.14 14.59 26.50
CA ASP A 405 -6.57 15.93 26.89
C ASP A 405 -5.37 16.84 27.14
N ALA A 406 -4.38 16.35 27.89
CA ALA A 406 -3.16 17.11 28.07
C ALA A 406 -2.47 17.35 26.74
N VAL A 407 -2.48 16.35 25.86
CA VAL A 407 -1.98 16.53 24.50
C VAL A 407 -2.82 17.59 23.78
N ARG A 408 -4.13 17.60 24.03
CA ARG A 408 -5.01 18.57 23.40
C ARG A 408 -4.63 20.00 23.78
N ARG A 409 -4.36 20.24 25.07
CA ARG A 409 -4.00 21.60 25.47
C ARG A 409 -2.53 21.94 25.20
N GLU A 410 -1.66 20.94 25.10
CA GLU A 410 -0.26 21.20 24.76
C GLU A 410 -0.07 21.51 23.28
N LEU A 411 -0.94 20.97 22.43
CA LEU A 411 -0.84 21.19 20.99
C LEU A 411 -2.02 22.03 20.53
N ASP A 412 -1.75 23.30 20.25
CA ASP A 412 -2.77 24.23 19.78
C ASP A 412 -2.11 25.33 18.97
N GLY A 413 -2.84 25.84 17.98
CA GLY A 413 -2.34 26.88 17.11
C GLY A 413 -2.72 26.63 15.66
N PRO A 414 -1.75 26.70 14.76
CA PRO A 414 -2.00 26.35 13.36
C PRO A 414 -1.87 24.86 13.05
N ASN A 415 -1.77 24.00 14.06
CA ASN A 415 -1.55 22.58 13.85
C ASN A 415 -2.16 21.79 15.02
N ILE A 416 -3.48 21.70 15.04
CA ILE A 416 -4.18 20.76 15.92
C ILE A 416 -4.11 19.34 15.37
N ASP A 417 -3.68 19.19 14.12
CA ASP A 417 -3.53 17.87 13.52
C ASP A 417 -2.60 16.98 14.32
N ASP A 418 -1.58 17.56 14.96
CA ASP A 418 -0.71 16.78 15.83
C ASP A 418 -1.51 16.06 16.90
N PHE A 419 -2.39 16.80 17.58
CA PHE A 419 -3.27 16.17 18.55
C PHE A 419 -4.20 15.17 17.89
N ARG A 420 -4.70 15.47 16.69
CA ARG A 420 -5.66 14.57 16.05
C ARG A 420 -5.04 13.21 15.78
N LEU A 421 -3.88 13.19 15.10
CA LEU A 421 -3.19 11.94 14.85
C LEU A 421 -2.77 11.27 16.15
N TYR A 422 -2.40 12.06 17.16
CA TYR A 422 -2.06 11.45 18.45
C TYR A 422 -3.26 10.73 19.05
N GLU A 423 -4.43 11.37 19.02
CA GLU A 423 -5.66 10.73 19.47
C GLU A 423 -5.90 9.43 18.70
N LEU A 424 -5.65 9.44 17.40
CA LEU A 424 -5.75 8.22 16.60
C LEU A 424 -4.85 7.12 17.15
N ILE A 425 -3.55 7.42 17.29
CA ILE A 425 -2.58 6.41 17.71
C ILE A 425 -2.89 5.91 19.11
N TRP A 426 -3.24 6.81 20.02
CA TRP A 426 -3.63 6.44 21.37
C TRP A 426 -4.80 5.46 21.35
N GLN A 427 -5.90 5.85 20.71
CA GLN A 427 -7.12 5.04 20.74
C GLN A 427 -6.92 3.70 20.07
N ARG A 428 -6.16 3.65 18.97
CA ARG A 428 -5.85 2.38 18.34
C ARG A 428 -5.03 1.49 19.27
N THR A 429 -3.98 2.06 19.87
CA THR A 429 -3.09 1.27 20.72
C THR A 429 -3.83 0.65 21.89
N VAL A 430 -4.65 1.44 22.59
CA VAL A 430 -5.41 0.87 23.71
C VAL A 430 -6.47 -0.10 23.22
N ALA A 431 -7.04 0.18 22.05
CA ALA A 431 -7.99 -0.76 21.46
C ALA A 431 -7.35 -2.11 21.19
N SER A 432 -6.03 -2.13 20.97
CA SER A 432 -5.35 -3.37 20.62
C SER A 432 -5.36 -4.38 21.77
N GLN A 433 -5.48 -3.92 23.01
CA GLN A 433 -5.47 -4.84 24.15
C GLN A 433 -6.84 -4.87 24.82
N MET A 434 -7.89 -5.07 24.03
CA MET A 434 -9.25 -5.19 24.55
C MET A 434 -9.82 -6.53 24.13
N ALA A 435 -10.93 -6.92 24.75
CA ALA A 435 -11.61 -8.14 24.39
C ALA A 435 -12.26 -8.02 23.02
N ASP A 436 -12.57 -9.17 22.43
CA ASP A 436 -13.16 -9.19 21.10
C ASP A 436 -14.62 -8.74 21.14
N ALA A 437 -15.14 -8.40 19.96
CA ALA A 437 -16.56 -8.12 19.79
C ALA A 437 -17.25 -9.39 19.32
N ARG A 438 -18.43 -9.68 19.90
CA ARG A 438 -19.14 -10.93 19.64
C ARG A 438 -20.64 -10.64 19.46
N GLY A 439 -21.00 -10.08 18.32
CA GLY A 439 -22.39 -9.79 17.99
C GLY A 439 -23.12 -11.01 17.47
N MET A 440 -24.17 -10.77 16.67
CA MET A 440 -24.96 -11.83 16.09
C MET A 440 -25.72 -11.31 14.87
N THR A 441 -25.79 -12.14 13.83
CA THR A 441 -26.47 -11.80 12.58
C THR A 441 -27.60 -12.79 12.29
N LEU A 442 -28.68 -12.26 11.73
CA LEU A 442 -29.84 -13.04 11.34
C LEU A 442 -29.81 -13.35 9.85
N SER A 443 -30.13 -14.58 9.50
CA SER A 443 -30.28 -15.01 8.11
C SER A 443 -31.76 -15.32 7.89
N LEU A 444 -32.50 -14.34 7.35
CA LEU A 444 -33.95 -14.42 7.24
C LEU A 444 -34.33 -14.77 5.82
N ARG A 445 -34.91 -15.97 5.62
CA ARG A 445 -35.36 -16.43 4.31
C ARG A 445 -36.88 -16.61 4.33
N ILE A 446 -37.57 -15.78 3.57
CA ILE A 446 -39.01 -15.88 3.42
C ILE A 446 -39.31 -16.52 2.08
N THR A 447 -40.52 -17.08 1.98
CA THR A 447 -40.99 -17.69 0.74
C THR A 447 -42.44 -17.29 0.50
N GLY A 448 -42.86 -17.45 -0.74
CA GLY A 448 -44.23 -17.16 -1.10
C GLY A 448 -44.49 -17.51 -2.55
N MET A 449 -45.59 -16.98 -3.07
CA MET A 449 -45.96 -17.16 -4.47
C MET A 449 -46.59 -15.88 -4.98
N SER A 450 -46.21 -15.47 -6.18
CA SER A 450 -46.77 -14.27 -6.79
C SER A 450 -47.09 -14.54 -8.25
N GLY A 451 -48.37 -14.53 -8.58
CA GLY A 451 -48.83 -14.99 -9.88
C GLY A 451 -49.18 -16.46 -9.80
N HIS A 452 -48.17 -17.31 -9.94
CA HIS A 452 -48.29 -18.73 -9.67
C HIS A 452 -46.90 -19.29 -9.42
N GLN A 453 -45.92 -18.40 -9.37
CA GLN A 453 -44.52 -18.76 -9.22
C GLN A 453 -44.10 -18.65 -7.76
N GLU A 454 -43.29 -19.62 -7.33
CA GLU A 454 -42.70 -19.59 -6.00
C GLU A 454 -41.57 -18.56 -5.97
N VAL A 455 -41.74 -17.52 -5.16
CA VAL A 455 -40.75 -16.46 -5.01
C VAL A 455 -40.09 -16.63 -3.65
N VAL A 456 -38.78 -16.38 -3.62
CA VAL A 456 -37.98 -16.50 -2.41
C VAL A 456 -37.43 -15.12 -2.07
N PHE A 457 -37.72 -14.64 -0.86
CA PHE A 457 -37.16 -13.39 -0.36
C PHE A 457 -36.05 -13.69 0.65
N SER A 458 -35.10 -12.75 0.74
CA SER A 458 -34.04 -12.87 1.72
C SER A 458 -33.75 -11.51 2.33
N ALA A 459 -33.24 -11.54 3.56
CA ALA A 459 -32.90 -10.35 4.32
C ALA A 459 -31.88 -10.73 5.39
N THR A 460 -31.02 -9.76 5.72
CA THR A 460 -29.98 -9.95 6.73
C THR A 460 -29.82 -8.65 7.51
N GLY A 461 -30.01 -8.73 8.84
CA GLY A 461 -29.62 -7.68 9.75
C GLY A 461 -28.72 -8.29 10.81
N ARG A 462 -28.14 -7.43 11.65
CA ARG A 462 -27.23 -7.95 12.66
C ARG A 462 -26.89 -6.87 13.68
N THR A 463 -26.73 -7.27 14.94
CA THR A 463 -26.46 -6.34 16.03
C THR A 463 -25.24 -6.80 16.80
N LEU A 464 -24.56 -5.85 17.44
CA LEU A 464 -23.37 -6.15 18.23
C LEU A 464 -23.77 -6.34 19.69
N THR A 465 -23.55 -7.55 20.22
CA THR A 465 -23.88 -7.82 21.61
C THR A 465 -22.97 -7.04 22.55
N PHE A 466 -21.66 -7.08 22.28
CA PHE A 466 -20.67 -6.33 23.05
C PHE A 466 -19.68 -5.71 22.08
N PRO A 467 -19.62 -4.37 22.00
CA PRO A 467 -18.70 -3.74 21.04
C PRO A 467 -17.24 -4.05 21.29
N GLY A 468 -16.86 -4.29 22.55
CA GLY A 468 -15.48 -4.61 22.86
C GLY A 468 -14.56 -3.48 22.43
N PHE A 469 -13.49 -3.84 21.71
CA PHE A 469 -12.55 -2.85 21.22
C PHE A 469 -13.20 -1.82 20.30
N LEU A 470 -14.35 -2.16 19.70
CA LEU A 470 -15.06 -1.19 18.87
C LEU A 470 -15.48 0.03 19.66
N LYS A 471 -15.66 -0.12 20.98
CA LYS A 471 -15.98 1.04 21.81
C LYS A 471 -14.86 2.07 21.80
N ALA A 472 -13.62 1.66 21.51
CA ALA A 472 -12.50 2.59 21.47
C ALA A 472 -12.07 2.95 20.05
N TYR A 473 -12.02 1.98 19.15
CA TYR A 473 -11.55 2.23 17.79
C TYR A 473 -12.41 1.48 16.79
N VAL A 474 -12.75 2.18 15.70
CA VAL A 474 -13.53 1.62 14.60
C VAL A 474 -12.79 1.96 13.31
N GLU A 475 -12.43 0.94 12.53
CA GLU A 475 -11.75 1.18 11.27
C GLU A 475 -12.72 1.77 10.26
N THR A 476 -12.22 2.70 9.45
CA THR A 476 -13.04 3.41 8.48
C THR A 476 -12.97 2.73 7.13
N VAL A 477 -14.14 2.49 6.52
CA VAL A 477 -14.19 1.86 5.22
C VAL A 477 -13.59 2.78 4.17
N ASP A 478 -13.03 2.19 3.12
CA ASP A 478 -12.41 2.98 2.06
C ASP A 478 -13.42 3.87 1.37
N GLU A 479 -12.95 5.03 0.91
CA GLU A 479 -13.84 6.03 0.33
C GLU A 479 -14.41 5.57 -1.00
N LEU A 480 -13.54 5.14 -1.93
CA LEU A 480 -13.96 4.71 -3.24
C LEU A 480 -14.38 3.25 -3.30
N VAL A 481 -13.88 2.42 -2.39
CA VAL A 481 -14.26 1.01 -2.37
C VAL A 481 -15.60 0.83 -1.70
N GLY A 482 -15.83 1.50 -0.58
CA GLY A 482 -17.09 1.41 0.12
C GLY A 482 -17.29 0.05 0.78
N GLY A 483 -18.41 -0.05 1.49
CA GLY A 483 -18.75 -1.28 2.18
C GLY A 483 -19.33 -1.05 3.56
N GLU A 484 -19.74 -2.13 4.22
CA GLU A 484 -20.34 -2.01 5.55
C GLU A 484 -19.28 -1.69 6.59
N ALA A 485 -19.62 -0.79 7.51
CA ALA A 485 -18.72 -0.45 8.60
C ALA A 485 -18.52 -1.64 9.53
N ASP A 486 -17.41 -1.59 10.27
CA ASP A 486 -17.07 -2.72 11.13
C ASP A 486 -18.00 -2.84 12.33
N ASP A 487 -18.54 -1.71 12.80
CA ASP A 487 -19.47 -1.70 13.92
C ASP A 487 -20.91 -1.45 13.48
N ALA A 488 -21.19 -1.56 12.19
CA ALA A 488 -22.54 -1.33 11.69
C ALA A 488 -23.51 -2.33 12.29
N GLU A 489 -24.75 -1.90 12.49
CA GLU A 489 -25.77 -2.72 13.12
C GLU A 489 -27.11 -2.47 12.44
N ARG A 490 -27.78 -3.54 12.04
CA ARG A 490 -29.10 -3.46 11.41
C ARG A 490 -30.05 -4.35 12.21
N ARG A 491 -30.93 -3.73 13.00
CA ARG A 491 -31.81 -4.45 13.90
C ARG A 491 -33.12 -4.82 13.20
N LEU A 492 -33.78 -5.86 13.74
CA LEU A 492 -35.04 -6.37 13.23
C LEU A 492 -35.64 -7.35 14.22
N PRO A 493 -36.96 -7.52 14.24
CA PRO A 493 -37.58 -8.48 15.16
C PRO A 493 -37.20 -9.92 14.80
N HIS A 494 -37.47 -10.82 15.74
CA HIS A 494 -37.19 -12.22 15.54
C HIS A 494 -38.31 -12.88 14.72
N LEU A 495 -38.09 -14.14 14.34
CA LEU A 495 -39.04 -14.86 13.52
C LEU A 495 -38.85 -16.36 13.72
N THR A 496 -39.91 -17.11 13.45
CA THR A 496 -39.93 -18.56 13.58
C THR A 496 -40.30 -19.21 12.25
N PRO A 497 -39.84 -20.43 11.99
CA PRO A 497 -40.17 -21.10 10.72
C PRO A 497 -41.67 -21.28 10.55
N GLY A 498 -42.20 -20.75 9.46
CA GLY A 498 -43.62 -20.82 9.18
C GLY A 498 -44.42 -19.62 9.60
N GLN A 499 -43.80 -18.65 10.28
CA GLN A 499 -44.52 -17.46 10.73
C GLN A 499 -44.98 -16.65 9.52
N ARG A 500 -46.12 -15.98 9.69
CA ARG A 500 -46.70 -15.16 8.63
C ARG A 500 -46.20 -13.74 8.71
N LEU A 501 -46.11 -13.09 7.55
CA LEU A 501 -45.66 -11.71 7.45
C LEU A 501 -46.47 -10.99 6.38
N ASP A 502 -46.99 -9.82 6.73
CA ASP A 502 -47.77 -9.02 5.80
C ASP A 502 -46.87 -8.07 5.04
N ILE A 503 -47.12 -7.93 3.73
CA ILE A 503 -46.32 -7.08 2.87
C ILE A 503 -46.86 -5.66 2.98
N VAL A 504 -46.09 -4.76 3.61
CA VAL A 504 -46.50 -3.37 3.71
C VAL A 504 -46.39 -2.68 2.35
N GLU A 505 -45.23 -2.79 1.71
CA GLU A 505 -45.04 -2.14 0.41
C GLU A 505 -43.99 -2.87 -0.40
N LEU A 506 -44.26 -3.03 -1.69
CA LEU A 506 -43.30 -3.58 -2.63
C LEU A 506 -42.91 -2.50 -3.63
N THR A 507 -41.62 -2.30 -3.82
CA THR A 507 -41.13 -1.32 -4.78
C THR A 507 -40.02 -1.94 -5.63
N PRO A 508 -40.12 -1.85 -6.95
CA PRO A 508 -39.07 -2.41 -7.81
C PRO A 508 -37.82 -1.54 -7.81
N ASP A 509 -36.68 -2.21 -7.90
CA ASP A 509 -35.38 -1.55 -7.81
C ASP A 509 -34.49 -2.03 -8.96
N GLY A 510 -33.95 -1.08 -9.71
CA GLY A 510 -33.05 -1.36 -10.82
C GLY A 510 -31.64 -0.91 -10.48
N HIS A 511 -30.68 -1.81 -10.71
CA HIS A 511 -29.29 -1.57 -10.40
C HIS A 511 -28.42 -1.90 -11.61
N ALA A 512 -27.18 -1.42 -11.56
CA ALA A 512 -26.20 -1.67 -12.61
C ALA A 512 -24.86 -1.99 -11.98
N THR A 513 -24.06 -2.78 -12.69
CA THR A 513 -22.72 -3.09 -12.20
C THR A 513 -21.83 -1.86 -12.31
N ASN A 514 -20.85 -1.79 -11.41
CA ASN A 514 -19.98 -0.62 -11.34
C ASN A 514 -18.54 -1.00 -11.67
N PRO A 515 -17.80 -0.12 -12.35
CA PRO A 515 -16.40 -0.43 -12.62
C PRO A 515 -15.61 -0.50 -11.34
N PRO A 516 -14.49 -1.21 -11.33
CA PRO A 516 -13.65 -1.26 -10.14
C PRO A 516 -13.13 0.13 -9.77
N ALA A 517 -12.95 0.33 -8.47
CA ALA A 517 -12.59 1.64 -7.97
C ALA A 517 -11.13 1.97 -8.24
N ARG A 518 -10.85 3.25 -8.42
CA ARG A 518 -9.46 3.70 -8.50
C ARG A 518 -8.80 3.62 -7.13
N TYR A 519 -7.48 3.73 -7.14
CA TYR A 519 -6.71 3.68 -5.91
C TYR A 519 -6.68 5.05 -5.24
N THR A 520 -6.92 5.08 -3.94
CA THR A 520 -6.50 6.20 -3.11
C THR A 520 -5.06 5.97 -2.67
N GLU A 521 -4.49 6.98 -2.02
CA GLU A 521 -3.15 6.78 -1.43
C GLU A 521 -3.17 5.63 -0.45
N ALA A 522 -4.21 5.55 0.38
CA ALA A 522 -4.35 4.44 1.33
C ALA A 522 -4.35 3.09 0.62
N SER A 523 -5.23 2.91 -0.36
CA SER A 523 -5.36 1.61 -1.02
C SER A 523 -4.12 1.28 -1.85
N LEU A 524 -3.48 2.28 -2.43
CA LEU A 524 -2.22 2.04 -3.14
C LEU A 524 -1.15 1.53 -2.19
N VAL A 525 -1.04 2.18 -1.01
CA VAL A 525 -0.03 1.76 -0.04
C VAL A 525 -0.30 0.34 0.45
N LYS A 526 -1.56 0.07 0.85
CA LYS A 526 -1.92 -1.27 1.27
C LYS A 526 -1.59 -2.29 0.18
N ALA A 527 -1.85 -1.93 -1.07
CA ALA A 527 -1.48 -2.79 -2.19
C ALA A 527 0.01 -3.10 -2.15
N LEU A 528 0.84 -2.07 -2.34
CA LEU A 528 2.30 -2.26 -2.40
C LEU A 528 2.78 -3.11 -1.24
N GLU A 529 2.37 -2.77 -0.02
CA GLU A 529 2.73 -3.58 1.15
C GLU A 529 2.35 -5.04 0.94
N GLU A 530 1.13 -5.29 0.48
CA GLU A 530 0.69 -6.67 0.24
C GLU A 530 1.60 -7.38 -0.74
N LEU A 531 2.12 -6.67 -1.74
CA LEU A 531 3.09 -7.27 -2.64
C LEU A 531 4.50 -7.31 -2.07
N GLY A 532 4.71 -6.80 -0.85
CA GLY A 532 6.04 -6.81 -0.27
C GLY A 532 7.02 -5.88 -0.94
N ILE A 533 6.54 -4.79 -1.53
CA ILE A 533 7.40 -3.83 -2.22
C ILE A 533 7.26 -2.48 -1.54
N GLY A 534 8.34 -1.70 -1.59
CA GLY A 534 8.44 -0.47 -0.84
C GLY A 534 8.76 -0.76 0.61
N ARG A 535 8.94 0.30 1.38
CA ARG A 535 9.28 0.16 2.78
C ARG A 535 8.65 1.29 3.58
N PRO A 536 8.54 1.14 4.91
CA PRO A 536 7.89 2.18 5.72
C PRO A 536 8.49 3.58 5.56
N SER A 537 9.75 3.70 5.15
CA SER A 537 10.37 5.01 5.02
C SER A 537 10.09 5.68 3.68
N THR A 538 9.66 4.93 2.66
CA THR A 538 9.50 5.50 1.33
C THR A 538 8.09 5.37 0.77
N TYR A 539 7.10 4.99 1.59
CA TYR A 539 5.74 4.84 1.07
C TYR A 539 5.22 6.16 0.53
N SER A 540 5.28 7.23 1.33
CA SER A 540 4.88 8.55 0.84
C SER A 540 5.78 9.02 -0.30
N SER A 541 7.04 8.57 -0.30
CA SER A 541 7.97 9.00 -1.34
C SER A 541 7.61 8.43 -2.70
N ILE A 542 7.08 7.20 -2.75
CA ILE A 542 6.65 6.63 -4.02
C ILE A 542 5.52 7.46 -4.62
N ILE A 543 4.56 7.85 -3.78
CA ILE A 543 3.43 8.64 -4.25
C ILE A 543 3.92 9.99 -4.76
N LYS A 544 4.76 10.67 -3.98
CA LYS A 544 5.35 11.93 -4.44
C LYS A 544 6.08 11.75 -5.76
N THR A 545 6.89 10.69 -5.87
CA THR A 545 7.72 10.47 -7.05
C THR A 545 6.86 10.27 -8.29
N ILE A 546 5.87 9.37 -8.20
CA ILE A 546 5.05 9.08 -9.38
C ILE A 546 4.21 10.29 -9.77
N GLN A 547 3.85 11.16 -8.81
CA GLN A 547 3.20 12.39 -9.20
C GLN A 547 4.19 13.38 -9.83
N ASP A 548 5.43 13.40 -9.34
CA ASP A 548 6.40 14.37 -9.82
C ASP A 548 6.87 14.07 -11.23
N ARG A 549 7.01 12.78 -11.56
CA ARG A 549 7.39 12.41 -12.92
C ARG A 549 6.23 12.55 -13.90
N GLY A 550 5.04 12.93 -13.45
CA GLY A 550 3.91 13.05 -14.34
C GLY A 550 3.23 11.75 -14.68
N TYR A 551 3.50 10.68 -13.94
CA TYR A 551 2.84 9.42 -14.19
C TYR A 551 1.44 9.39 -13.61
N VAL A 552 1.25 10.03 -12.45
CA VAL A 552 0.02 9.95 -11.69
C VAL A 552 -0.37 11.35 -11.26
N HIS A 553 -1.62 11.73 -11.50
CA HIS A 553 -2.17 12.95 -10.93
C HIS A 553 -3.37 12.60 -10.08
N LYS A 554 -3.65 13.45 -9.09
CA LYS A 554 -4.70 13.20 -8.12
C LYS A 554 -5.96 13.93 -8.54
N LYS A 555 -7.06 13.19 -8.70
CA LYS A 555 -8.39 13.75 -8.91
C LYS A 555 -9.20 13.43 -7.66
N GLY A 556 -9.50 14.46 -6.88
CA GLY A 556 -10.08 14.23 -5.57
C GLY A 556 -9.10 13.44 -4.73
N SER A 557 -9.59 12.33 -4.17
CA SER A 557 -8.75 11.39 -3.44
C SER A 557 -8.28 10.23 -4.31
N ALA A 558 -8.71 10.17 -5.56
CA ALA A 558 -8.37 9.07 -6.45
C ALA A 558 -7.08 9.37 -7.22
N LEU A 559 -6.27 8.33 -7.42
CA LEU A 559 -5.05 8.43 -8.19
C LEU A 559 -5.34 8.02 -9.64
N VAL A 560 -5.13 8.95 -10.56
CA VAL A 560 -5.45 8.80 -11.97
C VAL A 560 -4.15 8.74 -12.75
N PRO A 561 -3.94 7.73 -13.60
CA PRO A 561 -2.72 7.69 -14.39
C PRO A 561 -2.79 8.61 -15.61
N SER A 562 -1.62 9.04 -16.05
CA SER A 562 -1.50 9.89 -17.23
C SER A 562 -1.25 9.05 -18.47
N TRP A 563 -1.41 9.70 -19.63
CA TRP A 563 -1.21 9.00 -20.89
C TRP A 563 0.23 8.51 -21.03
N VAL A 564 1.21 9.35 -20.67
CA VAL A 564 2.59 8.92 -20.76
C VAL A 564 2.88 7.83 -19.75
N ALA A 565 2.11 7.78 -18.66
CA ALA A 565 2.16 6.60 -17.79
C ALA A 565 1.71 5.36 -18.56
N PHE A 566 0.69 5.52 -19.41
CA PHE A 566 0.30 4.39 -20.26
C PHE A 566 1.44 3.98 -21.19
N ALA A 567 2.09 4.95 -21.83
CA ALA A 567 3.14 4.63 -22.79
C ALA A 567 4.34 3.96 -22.11
N VAL A 568 4.80 4.55 -21.01
CA VAL A 568 5.89 3.95 -20.25
C VAL A 568 5.50 2.55 -19.81
N THR A 569 4.44 2.43 -19.00
CA THR A 569 3.96 1.13 -18.52
C THR A 569 3.92 0.10 -19.64
N GLY A 570 3.38 0.48 -20.81
CA GLY A 570 3.29 -0.46 -21.92
C GLY A 570 4.66 -0.93 -22.39
N LEU A 571 5.57 0.02 -22.63
CA LEU A 571 6.94 -0.33 -22.98
C LEU A 571 7.51 -1.33 -21.98
N LEU A 572 7.31 -1.07 -20.69
CA LEU A 572 7.92 -1.89 -19.65
C LEU A 572 7.36 -3.31 -19.66
N GLU A 573 6.03 -3.46 -19.72
CA GLU A 573 5.48 -4.82 -19.69
C GLU A 573 5.71 -5.57 -21.00
N GLN A 574 5.90 -4.85 -22.11
CA GLN A 574 6.07 -5.51 -23.41
C GLN A 574 7.53 -5.83 -23.75
N HIS A 575 8.49 -5.12 -23.17
CA HIS A 575 9.90 -5.32 -23.48
C HIS A 575 10.78 -5.59 -22.27
N PHE A 576 10.39 -5.15 -21.08
CA PHE A 576 11.07 -5.45 -19.82
C PHE A 576 10.09 -6.09 -18.85
N GLY A 577 9.29 -7.03 -19.35
CA GLY A 577 8.21 -7.64 -18.58
C GLY A 577 8.55 -8.06 -17.17
N ARG A 578 9.56 -8.92 -17.03
CA ARG A 578 9.92 -9.44 -15.70
C ARG A 578 10.19 -8.32 -14.72
N LEU A 579 10.85 -7.26 -15.19
CA LEU A 579 11.22 -6.15 -14.32
C LEU A 579 10.02 -5.48 -13.67
N VAL A 580 8.83 -5.63 -14.23
CA VAL A 580 7.63 -5.06 -13.62
C VAL A 580 6.63 -6.13 -13.22
N ASP A 581 7.05 -7.39 -13.18
CA ASP A 581 6.23 -8.41 -12.54
C ASP A 581 5.95 -8.00 -11.11
N TYR A 582 4.76 -8.34 -10.63
CA TYR A 582 4.36 -7.93 -9.29
C TYR A 582 5.16 -8.63 -8.21
N ASP A 583 5.75 -9.79 -8.50
CA ASP A 583 6.53 -10.55 -7.54
C ASP A 583 8.03 -10.46 -7.79
N PHE A 584 8.46 -9.57 -8.68
CA PHE A 584 9.89 -9.38 -8.91
C PHE A 584 10.60 -9.05 -7.61
N THR A 585 10.12 -8.01 -6.91
CA THR A 585 10.70 -7.64 -5.63
C THR A 585 10.73 -8.81 -4.65
N ALA A 586 9.67 -9.62 -4.62
CA ALA A 586 9.63 -10.73 -3.69
C ALA A 586 10.69 -11.77 -4.02
N ALA A 587 10.89 -12.05 -5.32
CA ALA A 587 11.95 -12.99 -5.70
C ALA A 587 13.33 -12.42 -5.39
N MET A 588 13.52 -11.12 -5.64
CA MET A 588 14.76 -10.46 -5.24
C MET A 588 15.04 -10.67 -3.76
N GLU A 589 14.06 -10.35 -2.91
CA GLU A 589 14.21 -10.56 -1.47
C GLU A 589 14.54 -12.01 -1.17
N ASP A 590 13.96 -12.95 -1.92
CA ASP A 590 14.33 -14.35 -1.75
C ASP A 590 15.81 -14.57 -2.03
N GLU A 591 16.36 -13.87 -3.02
CA GLU A 591 17.79 -14.03 -3.32
C GLU A 591 18.66 -13.41 -2.23
N LEU A 592 18.33 -12.18 -1.82
CA LEU A 592 19.14 -11.44 -0.86
C LEU A 592 19.15 -12.13 0.50
N ASP A 593 18.04 -12.78 0.87
CA ASP A 593 18.05 -13.60 2.07
C ASP A 593 19.09 -14.71 1.97
N GLU A 594 19.27 -15.28 0.78
CA GLU A 594 20.31 -16.28 0.58
C GLU A 594 21.69 -15.66 0.68
N ILE A 595 21.86 -14.42 0.20
CA ILE A 595 23.16 -13.75 0.37
C ILE A 595 23.44 -13.51 1.85
N ALA A 596 22.44 -13.04 2.59
CA ALA A 596 22.59 -12.73 4.01
C ALA A 596 22.83 -13.99 4.83
N ALA A 597 22.30 -15.12 4.40
CA ALA A 597 22.53 -16.37 5.11
C ALA A 597 23.84 -17.05 4.72
N GLY A 598 24.59 -16.49 3.77
CA GLY A 598 25.84 -17.09 3.33
C GLY A 598 25.70 -18.20 2.32
N ASN A 599 24.50 -18.41 1.77
CA ASN A 599 24.31 -19.50 0.83
C ASN A 599 24.71 -19.13 -0.59
N GLU A 600 24.64 -17.85 -0.95
CA GLU A 600 25.02 -17.37 -2.27
C GLU A 600 25.98 -16.21 -2.13
N ARG A 601 26.78 -15.99 -3.17
CA ARG A 601 27.78 -14.94 -3.16
C ARG A 601 27.17 -13.62 -3.65
N ARG A 602 27.79 -12.51 -3.22
CA ARG A 602 27.22 -11.19 -3.49
C ARG A 602 27.08 -10.92 -4.98
N THR A 603 28.12 -11.22 -5.77
CA THR A 603 28.07 -10.99 -7.20
C THR A 603 27.66 -12.20 -8.03
N ASN A 604 27.33 -13.32 -7.40
CA ASN A 604 26.88 -14.47 -8.18
C ASN A 604 25.62 -14.13 -8.95
N TRP A 605 24.54 -13.83 -8.22
CA TRP A 605 23.28 -13.49 -8.87
C TRP A 605 23.30 -12.11 -9.50
N LEU A 606 24.19 -11.21 -9.07
CA LEU A 606 24.34 -9.94 -9.74
C LEU A 606 24.92 -10.14 -11.14
N ASN A 607 25.98 -10.96 -11.25
CA ASN A 607 26.53 -11.32 -12.54
C ASN A 607 25.49 -12.03 -13.41
N ASN A 608 24.74 -12.97 -12.82
CA ASN A 608 23.70 -13.64 -13.58
C ASN A 608 22.65 -12.66 -14.08
N PHE A 609 22.27 -11.69 -13.24
CA PHE A 609 21.19 -10.76 -13.57
C PHE A 609 21.63 -9.76 -14.65
N TYR A 610 22.87 -9.29 -14.58
CA TYR A 610 23.30 -8.25 -15.51
C TYR A 610 23.82 -8.84 -16.83
N PHE A 611 24.52 -9.97 -16.78
CA PHE A 611 25.13 -10.53 -17.98
C PHE A 611 24.45 -11.79 -18.49
N GLY A 612 23.77 -12.55 -17.64
CA GLY A 612 23.03 -13.71 -18.11
C GLY A 612 23.52 -15.04 -17.56
N GLY A 613 22.66 -16.04 -17.64
CA GLY A 613 23.02 -17.37 -17.17
C GLY A 613 21.82 -18.12 -16.64
N ASP A 614 22.11 -19.36 -16.23
CA ASP A 614 21.17 -20.15 -15.45
C ASP A 614 21.00 -19.51 -14.07
N HIS A 615 19.74 -19.17 -13.74
CA HIS A 615 19.35 -18.66 -12.42
C HIS A 615 17.86 -18.36 -12.22
N GLY A 616 17.26 -18.89 -11.16
CA GLY A 616 15.93 -18.51 -10.77
C GLY A 616 14.87 -18.97 -11.76
N VAL A 617 13.74 -18.27 -11.71
CA VAL A 617 12.54 -18.60 -12.50
C VAL A 617 12.88 -18.60 -13.99
N PRO A 618 12.12 -19.31 -14.82
CA PRO A 618 12.39 -19.28 -16.26
C PRO A 618 12.26 -17.90 -16.89
N ASP A 619 11.35 -17.07 -16.38
CA ASP A 619 11.16 -15.72 -16.89
C ASP A 619 12.24 -14.75 -16.43
N SER A 620 13.24 -15.23 -15.71
CA SER A 620 14.22 -14.33 -15.09
C SER A 620 15.09 -13.66 -16.15
N VAL A 621 15.54 -12.44 -15.81
CA VAL A 621 16.41 -11.68 -16.71
C VAL A 621 17.69 -12.44 -16.98
N ALA A 622 18.17 -13.22 -16.02
CA ALA A 622 19.35 -14.06 -16.23
C ALA A 622 19.13 -15.03 -17.37
N ARG A 623 17.98 -15.72 -17.37
CA ARG A 623 17.67 -16.63 -18.47
C ARG A 623 17.55 -15.88 -19.78
N SER A 624 16.90 -14.71 -19.77
CA SER A 624 16.67 -13.93 -20.98
C SER A 624 17.95 -13.33 -21.55
N GLY A 625 19.11 -13.54 -20.92
CA GLY A 625 20.37 -13.05 -21.44
C GLY A 625 20.96 -11.86 -20.71
N GLY A 626 20.37 -11.42 -19.62
CA GLY A 626 20.98 -10.33 -18.87
C GLY A 626 20.37 -8.97 -19.20
N LEU A 627 20.33 -8.11 -18.18
CA LEU A 627 19.77 -6.78 -18.35
C LEU A 627 20.56 -6.00 -19.40
N LYS A 628 21.88 -6.13 -19.41
CA LYS A 628 22.70 -5.42 -20.39
C LYS A 628 22.29 -5.78 -21.81
N LYS A 629 22.19 -7.08 -22.10
CA LYS A 629 21.75 -7.51 -23.44
C LYS A 629 20.34 -7.02 -23.73
N LEU A 630 19.48 -7.00 -22.71
CA LEU A 630 18.12 -6.51 -22.89
C LEU A 630 18.11 -5.06 -23.37
N VAL A 631 18.80 -4.18 -22.64
CA VAL A 631 18.85 -2.77 -23.01
C VAL A 631 19.58 -2.59 -24.33
N GLY A 632 20.53 -3.46 -24.64
CA GLY A 632 21.28 -3.31 -25.86
C GLY A 632 20.46 -3.63 -27.10
N ILE A 633 19.72 -4.73 -27.08
CA ILE A 633 18.93 -5.07 -28.24
C ILE A 633 17.64 -4.26 -28.30
N ASN A 634 17.09 -3.85 -27.14
CA ASN A 634 15.85 -3.09 -27.15
C ASN A 634 16.07 -1.61 -27.39
N LEU A 635 17.28 -1.09 -27.14
CA LEU A 635 17.55 0.29 -27.52
C LEU A 635 17.61 0.47 -29.03
N GLU A 636 17.78 -0.62 -29.79
CA GLU A 636 17.80 -0.55 -31.24
C GLU A 636 16.48 -0.98 -31.88
N GLY A 637 15.78 -1.94 -31.28
CA GLY A 637 14.59 -2.49 -31.88
C GLY A 637 13.30 -2.27 -31.11
N ILE A 638 13.02 -1.02 -30.76
CA ILE A 638 11.75 -0.64 -30.14
C ILE A 638 11.11 0.43 -31.02
N ASP A 639 9.91 0.15 -31.51
CA ASP A 639 9.19 1.09 -32.35
C ASP A 639 8.66 2.23 -31.48
N ALA A 640 9.27 3.42 -31.63
CA ALA A 640 8.84 4.56 -30.83
C ALA A 640 7.42 4.97 -31.16
N ARG A 641 7.04 4.89 -32.44
CA ARG A 641 5.65 5.14 -32.82
C ARG A 641 4.71 4.20 -32.08
N GLU A 642 5.02 2.91 -32.10
CA GLU A 642 4.16 1.93 -31.44
C GLU A 642 4.08 2.18 -29.93
N VAL A 643 5.21 2.50 -29.31
CA VAL A 643 5.21 2.76 -27.86
C VAL A 643 4.39 4.00 -27.54
N ASN A 644 4.46 5.01 -28.40
CA ASN A 644 3.78 6.28 -28.16
C ASN A 644 2.39 6.34 -28.79
N SER A 645 1.79 5.19 -29.10
CA SER A 645 0.45 5.13 -29.69
C SER A 645 -0.43 4.27 -28.80
N ILE A 646 -1.28 4.89 -27.99
CA ILE A 646 -2.11 4.20 -27.02
C ILE A 646 -3.41 3.80 -27.72
N LYS A 647 -3.57 2.49 -27.95
CA LYS A 647 -4.74 1.97 -28.66
C LYS A 647 -5.98 2.13 -27.80
N LEU A 648 -7.00 2.80 -28.33
CA LEU A 648 -8.22 3.00 -27.56
C LEU A 648 -9.33 2.07 -28.00
N PHE A 649 -9.97 2.41 -29.13
CA PHE A 649 -11.07 1.63 -29.66
C PHE A 649 -11.24 1.98 -31.12
N ASP A 650 -12.00 1.16 -31.83
CA ASP A 650 -12.39 1.49 -33.19
C ASP A 650 -13.63 2.36 -33.17
N ASP A 651 -13.76 3.20 -34.20
CA ASP A 651 -14.95 4.03 -34.33
C ASP A 651 -16.11 3.22 -34.89
N THR A 652 -17.14 3.91 -35.38
CA THR A 652 -18.27 3.21 -35.99
C THR A 652 -17.99 2.80 -37.42
N HIS A 653 -16.97 3.36 -38.05
CA HIS A 653 -16.51 2.90 -39.36
C HIS A 653 -15.37 1.90 -39.25
N GLY A 654 -14.96 1.56 -38.03
CA GLY A 654 -13.91 0.58 -37.81
C GLY A 654 -12.50 1.11 -37.90
N ARG A 655 -12.31 2.43 -37.90
CA ARG A 655 -10.98 3.01 -37.96
C ARG A 655 -10.43 3.17 -36.55
N PRO A 656 -9.21 2.70 -36.28
CA PRO A 656 -8.67 2.78 -34.92
C PRO A 656 -8.45 4.21 -34.45
N ILE A 657 -8.61 4.41 -33.15
CA ILE A 657 -8.43 5.71 -32.50
C ILE A 657 -7.34 5.56 -31.45
N TYR A 658 -6.35 6.45 -31.51
CA TYR A 658 -5.17 6.36 -30.66
C TYR A 658 -4.98 7.63 -29.84
N VAL A 659 -4.39 7.47 -28.65
CA VAL A 659 -3.85 8.61 -27.91
C VAL A 659 -2.34 8.59 -28.16
N ARG A 660 -1.86 9.54 -28.94
CA ARG A 660 -0.44 9.68 -29.23
C ARG A 660 0.18 10.71 -28.30
N VAL A 661 1.23 10.31 -27.58
CA VAL A 661 1.94 11.21 -26.68
C VAL A 661 3.11 11.79 -27.46
N GLY A 662 2.98 13.05 -27.88
CA GLY A 662 4.02 13.75 -28.61
C GLY A 662 4.68 14.83 -27.78
N LYS A 663 5.65 15.48 -28.41
CA LYS A 663 6.44 16.50 -27.71
C LYS A 663 5.58 17.66 -27.23
N ASN A 664 4.47 17.93 -27.90
CA ASN A 664 3.57 19.01 -27.52
C ASN A 664 2.48 18.57 -26.55
N GLY A 665 2.54 17.32 -26.08
CA GLY A 665 1.52 16.80 -25.20
C GLY A 665 0.78 15.64 -25.85
N PRO A 666 -0.37 15.27 -25.28
CA PRO A 666 -1.13 14.15 -25.85
C PRO A 666 -2.19 14.60 -26.85
N TYR A 667 -2.25 13.96 -28.01
CA TYR A 667 -3.27 14.26 -29.01
C TYR A 667 -3.93 12.98 -29.49
N LEU A 668 -5.23 13.07 -29.75
CA LEU A 668 -6.01 11.95 -30.24
C LEU A 668 -5.91 11.88 -31.76
N GLU A 669 -5.44 10.75 -32.28
CA GLU A 669 -5.19 10.59 -33.70
C GLU A 669 -6.04 9.47 -34.27
N ARG A 670 -6.33 9.59 -35.56
CA ARG A 670 -7.12 8.60 -36.29
C ARG A 670 -6.77 8.71 -37.77
N LEU A 671 -6.59 7.57 -38.42
CA LEU A 671 -6.29 7.58 -39.85
C LEU A 671 -7.60 7.70 -40.64
N VAL A 672 -7.61 8.63 -41.60
CA VAL A 672 -8.80 9.13 -42.27
C VAL A 672 -8.62 8.94 -43.76
N ALA A 673 -9.74 8.79 -44.46
CA ALA A 673 -9.76 8.91 -45.91
C ALA A 673 -9.93 10.39 -46.28
N GLY A 674 -8.96 10.94 -47.01
CA GLY A 674 -8.94 12.36 -47.31
C GLY A 674 -9.38 12.72 -48.70
N ASP A 675 -8.63 13.63 -49.34
CA ASP A 675 -9.00 14.17 -50.64
C ASP A 675 -8.70 13.18 -51.76
N THR A 676 -7.42 13.02 -52.10
CA THR A 676 -7.03 12.09 -53.15
C THR A 676 -7.06 10.66 -52.64
N GLY A 677 -8.07 10.32 -51.85
CA GLY A 677 -8.18 8.99 -51.29
C GLY A 677 -7.81 8.92 -49.83
N GLU A 678 -6.70 8.27 -49.52
CA GLU A 678 -6.29 7.99 -48.16
C GLU A 678 -4.81 7.62 -48.17
N PRO A 679 -4.15 7.60 -47.00
CA PRO A 679 -4.59 7.94 -45.63
C PRO A 679 -4.10 9.31 -45.16
N THR A 680 -4.82 9.92 -44.22
CA THR A 680 -4.47 11.23 -43.69
C THR A 680 -4.80 11.27 -42.21
N PRO A 681 -3.87 11.71 -41.35
CA PRO A 681 -4.16 11.76 -39.92
C PRO A 681 -5.13 12.89 -39.58
N GLN A 682 -6.13 12.56 -38.77
CA GLN A 682 -6.98 13.53 -38.09
C GLN A 682 -6.60 13.54 -36.61
N ARG A 683 -6.29 14.72 -36.10
CA ARG A 683 -5.79 14.89 -34.75
C ARG A 683 -6.67 15.85 -33.97
N ALA A 684 -6.65 15.68 -32.64
CA ALA A 684 -7.36 16.57 -31.73
C ALA A 684 -6.77 16.33 -30.35
N ASN A 685 -5.90 17.24 -29.90
CA ASN A 685 -5.20 17.00 -28.64
C ASN A 685 -6.13 17.25 -27.45
N LEU A 686 -5.89 16.50 -26.39
CA LEU A 686 -6.77 16.43 -25.23
C LEU A 686 -6.20 17.20 -24.06
N SER A 687 -7.05 18.03 -23.45
CA SER A 687 -6.72 18.61 -22.15
C SER A 687 -6.60 17.50 -21.11
N ASP A 688 -5.60 17.64 -20.22
CA ASP A 688 -5.31 16.63 -19.21
C ASP A 688 -6.45 16.48 -18.22
N SER A 689 -7.49 17.30 -18.36
CA SER A 689 -8.62 17.29 -17.44
C SER A 689 -9.58 16.14 -17.70
N ILE A 690 -9.45 15.44 -18.83
CA ILE A 690 -10.32 14.31 -19.16
C ILE A 690 -9.57 13.04 -18.80
N THR A 691 -10.05 12.32 -17.79
CA THR A 691 -9.42 11.07 -17.37
C THR A 691 -9.53 10.02 -18.47
N PRO A 692 -8.66 9.01 -18.46
CA PRO A 692 -8.67 8.04 -19.56
C PRO A 692 -9.98 7.28 -19.71
N ASP A 693 -10.61 6.88 -18.60
CA ASP A 693 -11.84 6.11 -18.69
C ASP A 693 -13.03 6.98 -19.10
N GLU A 694 -13.00 8.27 -18.75
CA GLU A 694 -14.09 9.18 -19.10
C GLU A 694 -14.13 9.51 -20.58
N LEU A 695 -13.07 9.18 -21.31
CA LEU A 695 -13.01 9.43 -22.75
C LEU A 695 -13.64 8.23 -23.45
N THR A 696 -14.87 8.37 -23.87
CA THR A 696 -15.54 7.33 -24.64
C THR A 696 -15.41 7.64 -26.12
N LEU A 697 -16.06 6.82 -26.96
CA LEU A 697 -16.06 7.10 -28.39
C LEU A 697 -16.82 8.40 -28.68
N GLN A 698 -17.94 8.61 -28.00
CA GLN A 698 -18.69 9.85 -28.17
C GLN A 698 -17.84 11.06 -27.82
N VAL A 699 -17.19 11.03 -26.65
CA VAL A 699 -16.24 12.08 -26.30
C VAL A 699 -15.19 12.23 -27.39
N ALA A 700 -14.71 11.10 -27.93
CA ALA A 700 -13.59 11.15 -28.88
C ALA A 700 -13.98 11.84 -30.16
N GLU A 701 -15.22 11.62 -30.64
CA GLU A 701 -15.68 12.25 -31.87
C GLU A 701 -16.21 13.66 -31.65
N GLU A 702 -16.55 14.02 -30.41
CA GLU A 702 -16.76 15.44 -30.11
C GLU A 702 -15.44 16.19 -30.20
N LEU A 703 -14.40 15.65 -29.56
CA LEU A 703 -13.07 16.24 -29.67
C LEU A 703 -12.61 16.28 -31.12
N PHE A 704 -12.83 15.20 -31.87
CA PHE A 704 -12.49 15.18 -33.28
C PHE A 704 -13.31 16.20 -34.06
N ALA A 705 -14.52 16.48 -33.59
CA ALA A 705 -15.39 17.44 -34.27
C ALA A 705 -14.84 18.85 -34.11
N THR A 706 -14.79 19.35 -32.88
CA THR A 706 -14.30 20.70 -32.65
C THR A 706 -13.30 20.75 -31.50
#